data_7QKR
#
_entry.id   7QKR
#
_cell.length_a   1.00
_cell.length_b   1.00
_cell.length_c   1.00
_cell.angle_alpha   90.00
_cell.angle_beta   90.00
_cell.angle_gamma   90.00
#
_symmetry.space_group_name_H-M   'P 1'
#
loop_
_entity.id
_entity.type
_entity.pdbx_description
1 polymer 'Plasma membrane ATP-binding cassette transporter required for the export of a-factor'
2 non-polymer Dexverapamil
3 non-polymer 'PHOSPHOAMINOPHOSPHONIC ACID-ADENYLATE ESTER'
4 non-polymer 'MAGNESIUM ION'
5 non-polymer (3beta,14beta,17beta,25R)-3-[4-methoxy-3-(methoxymethyl)butoxy]spirost-5-en
#
_entity_poly.entity_id   1
_entity_poly.type   'polypeptide(L)'
_entity_poly.pdbx_seq_one_letter_code
;MVKNYDYKDDDDKGLSFFKRKKYSDKESLSSPETLEEKPNDELDPRVTEILERQIKADSYGASLVDLYGMLQGWEYCLAV
AAYICSIVAGAALPLMTLIFGDMAQQFTDYSSGLHSNNQFVDKIDENALYFVYLGVGLLVFNYFATLLHIVVSEIIASRV
REKFIWSILHQNMAYLDSLGSGEITSSITSDSQLIQQGVSEKIGLAAQSIATVVSALTVAFVIYWKLALVLLSVMVALIL
SSTPTILMLMQAYTDSIASYGKASSVAEEAFAAIKTATAFGAHEFQLQKYDEFILESKGYGKKKAISLALMMGSIWFIVF
ATYALAFWQGSRFMVSDNSGIGKILTACMAMLFGSLIIGNATISLKFVMVGLSAASKLFAMINREPYFDSASDAGEKINE
FDGSISFRNVTTRYPSRPDITVLSDFTLDIKPGQTIALVGESGSGKSTVIALLERFYEYLDGEILLDGVDLKSLNIKWVR
QQMALVQQEPVLFAASIYENVCYGLVGSKYENVTEKVKRELVEKACKDANAWEFISQMSNGLDTEVGERGLSLSGGQKQR
IAIARAVISEPKILLLDEATSALDTRSEGIVQDALNRLSETRTTIVIAHRLSTIQNADLIVVLSKGKIVETGSHKELLKK
KGKYHQLVQIQNIRTKINNSGPQAPISLSNSSDLDSVSHKIDRVESLIYERAAADTIDESPVKKQSIPQLFLMLLQINKG
DYYLLIPCLFLALIAGMGFPSFALLAGRVIEAFQVTGPQDFPHMRSLINKYTGFLFMIGCVLLIVYLFLTSFMVLSSESL
VYKMRYRCFKQYLRQDMSFFDRPENKVGTLVTTLAKDPQDIEGLSGGTAAQLAVSVVIVVAGIILAVAVNWRLGLVCTAT
VPILLGCGFFSVYLLMVFEERILKDYQESASYACEQVSALKTVVSLTREVGIYEKYSNSIKDQVKRSARSVSRTTLLYAL
IQGMNPWVFALGFWYGSRLLLEGRATNREFFTVLMAILFGCQSAGEFFSYAPGMGKAKQAAINIRQVLDTRPKSIDIESE
DGLKIDRLNLKGGIELRDVTFRYPTRPEVPVLTDLNLIIKPGQYVGLVGASGCGKSTTVGLIERFYDPESGQVLLDGVDI
RDLHLRTYREVLALVQQEPVLFSGSIRDNIMVGSISDGADDGSEEDMIKACKDANIYDFISSLPEGFDTLCGNKGTMLSG
GQKQRVAIARALIRNPRVLLLDEATSALDSESEMVVQDAIDKASKGRTTITIAHRLSTVQNCDVIYVFDAGRIVESGKHD
ELLQLRGKYYDLVQLQGLNAHHHHHHHHHH
;
_entity_poly.pdbx_strand_id   A
#
# COMPACT_ATOMS: atom_id res chain seq x y z
N ASP A 44 19.75 24.60 -27.12
CA ASP A 44 19.94 23.41 -26.29
C ASP A 44 20.05 23.72 -24.78
N PRO A 45 20.85 24.72 -24.37
CA PRO A 45 20.93 25.03 -22.93
C PRO A 45 19.61 25.52 -22.37
N ARG A 46 19.00 26.51 -23.02
CA ARG A 46 17.72 27.04 -22.55
C ARG A 46 16.63 25.99 -22.65
N VAL A 47 16.60 25.23 -23.75
CA VAL A 47 15.58 24.20 -23.94
C VAL A 47 15.68 23.15 -22.84
N THR A 48 16.90 22.64 -22.61
CA THR A 48 17.07 21.62 -21.58
C THR A 48 16.77 22.16 -20.20
N GLU A 49 17.18 23.40 -19.92
CA GLU A 49 16.90 23.99 -18.62
C GLU A 49 15.39 24.12 -18.39
N ILE A 50 14.64 24.52 -19.43
CA ILE A 50 13.20 24.62 -19.29
C ILE A 50 12.58 23.24 -19.08
N LEU A 51 13.03 22.24 -19.84
CA LEU A 51 12.45 20.91 -19.71
C LEU A 51 12.77 20.25 -18.37
N GLU A 52 13.93 20.52 -17.77
CA GLU A 52 14.16 20.02 -16.42
C GLU A 52 13.43 20.84 -15.36
N ARG A 53 13.40 22.17 -15.50
CA ARG A 53 12.73 23.02 -14.52
C ARG A 53 11.23 22.74 -14.46
N GLN A 54 10.63 22.29 -15.56
CA GLN A 54 9.22 21.91 -15.56
C GLN A 54 8.95 20.69 -14.72
N ILE A 55 9.97 19.87 -14.44
CA ILE A 55 9.74 18.55 -13.86
C ILE A 55 10.65 18.31 -12.65
N LYS A 56 11.55 19.27 -12.42
CA LYS A 56 12.56 19.13 -11.32
C LYS A 56 11.88 19.13 -9.96
N ALA A 57 11.93 18.00 -9.26
CA ALA A 57 11.40 17.92 -7.91
C ALA A 57 12.56 18.01 -6.93
N ASP A 58 12.75 19.19 -6.35
CA ASP A 58 13.82 19.37 -5.36
C ASP A 58 13.46 18.66 -4.07
N SER A 59 14.47 18.12 -3.40
CA SER A 59 14.29 17.35 -2.18
C SER A 59 14.30 18.27 -0.96
N TYR A 60 13.88 17.72 0.18
CA TYR A 60 13.73 18.49 1.39
C TYR A 60 14.07 17.63 2.60
N GLY A 61 14.84 18.19 3.52
CA GLY A 61 15.12 17.52 4.79
C GLY A 61 14.35 18.17 5.93
N ALA A 62 13.29 17.52 6.40
CA ALA A 62 12.43 18.09 7.41
C ALA A 62 12.89 17.70 8.81
N SER A 63 12.54 18.54 9.77
CA SER A 63 12.85 18.31 11.18
C SER A 63 11.62 18.69 12.00
N LEU A 64 11.76 18.55 13.33
CA LEU A 64 10.65 18.91 14.21
C LEU A 64 10.45 20.42 14.29
N VAL A 65 11.44 21.21 13.90
CA VAL A 65 11.27 22.65 13.83
C VAL A 65 10.22 23.01 12.78
N ASP A 66 10.31 22.38 11.60
CA ASP A 66 9.34 22.63 10.54
C ASP A 66 7.93 22.23 10.98
N LEU A 67 7.81 21.05 11.59
CA LEU A 67 6.50 20.56 12.01
C LEU A 67 5.89 21.44 13.10
N TYR A 68 6.69 21.85 14.08
CA TYR A 68 6.18 22.65 15.18
C TYR A 68 6.09 24.13 14.85
N GLY A 69 6.63 24.56 13.70
CA GLY A 69 6.39 25.92 13.26
C GLY A 69 5.08 26.14 12.54
N MET A 70 4.29 25.08 12.39
CA MET A 70 2.96 25.20 11.82
C MET A 70 1.97 25.86 12.77
N LEU A 71 2.33 26.00 14.04
CA LEU A 71 1.49 26.67 15.02
C LEU A 71 1.63 28.18 14.86
N GLN A 72 0.58 28.91 15.23
CA GLN A 72 0.55 30.35 15.06
C GLN A 72 0.05 31.02 16.34
N GLY A 73 0.92 31.84 16.94
CA GLY A 73 0.48 32.67 18.05
C GLY A 73 0.18 31.87 19.29
N TRP A 74 -1.03 32.05 19.83
CA TRP A 74 -1.41 31.50 21.13
C TRP A 74 -1.43 29.98 21.12
N GLU A 75 -1.32 29.37 19.94
CA GLU A 75 -1.19 27.92 19.85
C GLU A 75 0.15 27.42 20.37
N TYR A 76 1.23 28.19 20.18
CA TYR A 76 2.54 27.77 20.67
C TYR A 76 2.51 27.44 22.15
N CYS A 77 1.84 28.27 22.96
CA CYS A 77 1.74 28.00 24.38
C CYS A 77 1.22 26.60 24.63
N LEU A 78 0.17 26.17 23.90
CA LEU A 78 -0.34 24.82 24.07
C LEU A 78 0.79 23.81 23.94
N ALA A 79 1.55 23.89 22.85
CA ALA A 79 2.67 22.97 22.67
C ALA A 79 3.57 23.00 23.90
N VAL A 80 4.01 24.19 24.30
CA VAL A 80 4.87 24.31 25.46
C VAL A 80 4.21 23.66 26.66
N ALA A 81 2.96 24.01 26.93
CA ALA A 81 2.27 23.44 28.07
C ALA A 81 2.28 21.93 27.99
N ALA A 82 1.95 21.39 26.81
CA ALA A 82 1.93 19.93 26.66
C ALA A 82 3.26 19.35 27.10
N TYR A 83 4.35 19.87 26.55
CA TYR A 83 5.65 19.30 26.87
C TYR A 83 5.93 19.40 28.36
N ILE A 84 5.62 20.55 28.96
CA ILE A 84 5.86 20.70 30.39
C ILE A 84 5.14 19.60 31.14
N CYS A 85 3.86 19.40 30.83
CA CYS A 85 3.11 18.36 31.52
C CYS A 85 3.78 17.01 31.33
N SER A 86 4.16 16.68 30.09
CA SER A 86 4.82 15.42 29.84
C SER A 86 6.04 15.28 30.74
N ILE A 87 6.89 16.31 30.76
CA ILE A 87 8.12 16.23 31.54
C ILE A 87 7.77 16.00 33.01
N VAL A 88 6.79 16.75 33.52
CA VAL A 88 6.40 16.55 34.91
C VAL A 88 5.86 15.13 35.11
N ALA A 89 5.01 14.68 34.19
CA ALA A 89 4.45 13.34 34.32
C ALA A 89 5.54 12.27 34.20
N GLY A 90 6.71 12.65 33.70
CA GLY A 90 7.82 11.71 33.67
C GLY A 90 8.74 11.86 34.86
N ALA A 91 8.81 13.06 35.43
CA ALA A 91 9.76 13.29 36.51
C ALA A 91 9.21 12.87 37.87
N ALA A 92 7.90 12.84 38.03
CA ALA A 92 7.27 12.48 39.29
C ALA A 92 7.07 10.98 39.45
N LEU A 93 7.34 10.20 38.41
CA LEU A 93 7.11 8.76 38.45
C LEU A 93 8.16 8.04 39.29
N PRO A 94 9.47 8.36 39.17
CA PRO A 94 10.46 7.65 40.00
C PRO A 94 10.48 8.07 41.46
N LEU A 95 9.55 8.91 41.89
CA LEU A 95 9.41 9.20 43.32
C LEU A 95 8.73 8.07 44.07
N MET A 96 8.01 7.20 43.36
CA MET A 96 7.53 5.99 43.98
C MET A 96 8.66 5.17 44.56
N THR A 97 9.84 5.19 43.91
CA THR A 97 10.99 4.48 44.47
C THR A 97 11.39 5.08 45.81
N LEU A 98 11.36 6.41 45.93
CA LEU A 98 11.63 7.06 47.21
C LEU A 98 10.65 6.61 48.28
N ILE A 99 9.36 6.58 47.95
CA ILE A 99 8.37 6.26 48.97
C ILE A 99 8.43 4.78 49.33
N PHE A 100 8.67 3.90 48.34
CA PHE A 100 8.91 2.49 48.64
C PHE A 100 10.10 2.30 49.57
N GLY A 101 11.20 3.01 49.31
CA GLY A 101 12.34 2.90 50.20
C GLY A 101 12.03 3.36 51.60
N ASP A 102 11.31 4.47 51.74
CA ASP A 102 10.96 4.96 53.07
C ASP A 102 10.06 3.97 53.81
N MET A 103 9.07 3.40 53.12
CA MET A 103 8.18 2.44 53.78
C MET A 103 8.92 1.15 54.14
N ALA A 104 9.84 0.71 53.28
CA ALA A 104 10.65 -0.47 53.61
C ALA A 104 11.49 -0.22 54.84
N GLN A 105 12.09 0.98 54.94
CA GLN A 105 12.88 1.31 56.12
C GLN A 105 12.01 1.35 57.36
N GLN A 106 10.80 1.91 57.26
CA GLN A 106 9.90 1.94 58.41
C GLN A 106 9.50 0.55 58.84
N PHE A 107 9.17 -0.33 57.89
CA PHE A 107 8.81 -1.70 58.22
C PHE A 107 9.96 -2.43 58.91
N THR A 108 11.17 -2.30 58.36
CA THR A 108 12.33 -2.96 58.95
C THR A 108 12.61 -2.42 60.35
N ASP A 109 12.51 -1.11 60.54
CA ASP A 109 12.77 -0.53 61.85
C ASP A 109 11.74 -0.98 62.87
N TYR A 110 10.46 -1.04 62.48
CA TYR A 110 9.44 -1.51 63.42
C TYR A 110 9.63 -2.97 63.76
N SER A 111 9.99 -3.79 62.77
CA SER A 111 10.24 -5.20 63.05
C SER A 111 11.43 -5.39 63.98
N SER A 112 12.48 -4.58 63.78
CA SER A 112 13.63 -4.64 64.68
C SER A 112 13.30 -4.17 66.09
N GLY A 113 12.20 -3.44 66.26
CA GLY A 113 11.82 -2.92 67.56
C GLY A 113 12.32 -1.53 67.86
N LEU A 114 12.67 -0.76 66.82
CA LEU A 114 13.28 0.58 67.04
C LEU A 114 12.27 1.65 67.40
N HIS A 115 11.05 1.61 66.84
CA HIS A 115 10.09 2.72 67.12
C HIS A 115 8.75 2.22 67.64
N SER A 116 8.04 3.05 68.43
CA SER A 116 6.75 2.65 69.04
C SER A 116 5.64 2.56 67.99
N ASN A 117 4.57 1.82 68.30
CA ASN A 117 3.43 1.66 67.37
C ASN A 117 2.97 3.02 66.83
N ASN A 118 2.77 4.02 67.70
CA ASN A 118 2.24 5.29 67.22
C ASN A 118 3.12 5.89 66.14
N GLN A 119 4.44 5.87 66.34
CA GLN A 119 5.36 6.41 65.33
C GLN A 119 5.25 5.65 64.02
N PHE A 120 5.20 4.32 64.10
CA PHE A 120 5.10 3.50 62.90
C PHE A 120 3.80 3.80 62.15
N VAL A 121 2.69 3.88 62.88
CA VAL A 121 1.39 4.15 62.25
C VAL A 121 1.39 5.52 61.59
N ASP A 122 1.90 6.54 62.29
CA ASP A 122 1.90 7.89 61.74
C ASP A 122 2.76 7.97 60.50
N LYS A 123 3.96 7.38 60.53
CA LYS A 123 4.84 7.42 59.37
C LYS A 123 4.23 6.68 58.18
N ILE A 124 3.64 5.52 58.45
CA ILE A 124 3.01 4.73 57.35
C ILE A 124 1.87 5.57 56.75
N ASP A 125 1.03 6.16 57.59
CA ASP A 125 -0.09 6.96 57.08
C ASP A 125 0.40 8.14 56.25
N GLU A 126 1.49 8.78 56.70
CA GLU A 126 2.05 9.88 55.91
C GLU A 126 2.56 9.40 54.56
N ASN A 127 3.21 8.23 54.53
CA ASN A 127 3.69 7.70 53.25
C ASN A 127 2.53 7.32 52.34
N ALA A 128 1.45 6.77 52.91
CA ALA A 128 0.27 6.47 52.11
C ALA A 128 -0.34 7.74 51.53
N LEU A 129 -0.36 8.81 52.33
CA LEU A 129 -0.80 10.11 51.81
C LEU A 129 0.08 10.57 50.67
N TYR A 130 1.39 10.31 50.78
CA TYR A 130 2.30 10.67 49.69
C TYR A 130 1.97 9.90 48.41
N PHE A 131 1.66 8.60 48.54
CA PHE A 131 1.22 7.85 47.36
C PHE A 131 -0.06 8.44 46.78
N VAL A 132 -1.01 8.81 47.63
CA VAL A 132 -2.28 9.37 47.12
C VAL A 132 -2.02 10.67 46.36
N TYR A 133 -1.17 11.54 46.93
CA TYR A 133 -0.85 12.80 46.26
C TYR A 133 -0.14 12.55 44.94
N LEU A 134 0.79 11.59 44.92
CA LEU A 134 1.49 11.26 43.68
C LEU A 134 0.53 10.74 42.62
N GLY A 135 -0.42 9.90 43.03
CA GLY A 135 -1.40 9.40 42.07
C GLY A 135 -2.28 10.50 41.50
N VAL A 136 -2.71 11.43 42.35
CA VAL A 136 -3.52 12.55 41.88
C VAL A 136 -2.73 13.40 40.89
N GLY A 137 -1.47 13.71 41.23
CA GLY A 137 -0.65 14.49 40.32
C GLY A 137 -0.41 13.79 39.00
N LEU A 138 -0.15 12.47 39.05
CA LEU A 138 0.03 11.71 37.83
C LEU A 138 -1.23 11.75 36.96
N LEU A 139 -2.39 11.60 37.58
CA LEU A 139 -3.65 11.69 36.86
C LEU A 139 -3.77 13.03 36.13
N VAL A 140 -3.60 14.13 36.88
CA VAL A 140 -3.81 15.45 36.30
C VAL A 140 -2.83 15.70 35.17
N PHE A 141 -1.54 15.45 35.42
CA PHE A 141 -0.54 15.80 34.42
C PHE A 141 -0.59 14.87 33.21
N ASN A 142 -0.93 13.59 33.41
CA ASN A 142 -1.09 12.70 32.27
C ASN A 142 -2.26 13.12 31.41
N TYR A 143 -3.39 13.49 32.04
CA TYR A 143 -4.52 13.98 31.27
C TYR A 143 -4.13 15.17 30.43
N PHE A 144 -3.52 16.18 31.05
CA PHE A 144 -3.23 17.41 30.31
C PHE A 144 -2.16 17.18 29.24
N ALA A 145 -1.13 16.40 29.55
CA ALA A 145 -0.11 16.11 28.56
C ALA A 145 -0.70 15.41 27.34
N THR A 146 -1.47 14.35 27.56
CA THR A 146 -2.03 13.60 26.43
C THR A 146 -2.98 14.49 25.61
N LEU A 147 -3.89 15.19 26.29
CA LEU A 147 -4.88 15.98 25.57
C LEU A 147 -4.22 17.10 24.77
N LEU A 148 -3.26 17.81 25.37
CA LEU A 148 -2.63 18.92 24.67
C LEU A 148 -1.73 18.44 23.55
N HIS A 149 -1.04 17.31 23.74
CA HIS A 149 -0.23 16.76 22.65
C HIS A 149 -1.11 16.37 21.47
N ILE A 150 -2.26 15.74 21.75
CA ILE A 150 -3.14 15.32 20.66
C ILE A 150 -3.72 16.53 19.94
N VAL A 151 -4.12 17.56 20.70
CA VAL A 151 -4.66 18.77 20.08
C VAL A 151 -3.62 19.46 19.21
N VAL A 152 -2.39 19.57 19.70
CA VAL A 152 -1.32 20.20 18.93
C VAL A 152 -1.02 19.39 17.68
N SER A 153 -1.03 18.07 17.79
CA SER A 153 -0.82 17.24 16.60
C SER A 153 -1.92 17.43 15.58
N GLU A 154 -3.18 17.54 16.05
CA GLU A 154 -4.28 17.80 15.12
C GLU A 154 -4.07 19.12 14.39
N ILE A 155 -3.69 20.17 15.12
CA ILE A 155 -3.48 21.47 14.50
C ILE A 155 -2.37 21.40 13.46
N ILE A 156 -1.23 20.83 13.84
CA ILE A 156 -0.05 20.75 12.93
C ILE A 156 -0.44 19.99 11.66
N ALA A 157 -1.01 18.79 11.79
CA ALA A 157 -1.33 17.95 10.62
C ALA A 157 -2.37 18.66 9.75
N SER A 158 -3.37 19.31 10.34
CA SER A 158 -4.37 20.07 9.55
C SER A 158 -3.70 21.18 8.75
N ARG A 159 -2.80 21.95 9.36
CA ARG A 159 -2.06 22.94 8.58
C ARG A 159 -1.27 22.28 7.46
N VAL A 160 -0.64 21.14 7.75
CA VAL A 160 0.13 20.44 6.73
C VAL A 160 -0.77 19.96 5.60
N ARG A 161 -1.97 19.45 5.94
CA ARG A 161 -2.90 19.00 4.92
C ARG A 161 -3.36 20.16 4.03
N GLU A 162 -3.70 21.29 4.66
CA GLU A 162 -4.10 22.47 3.89
C GLU A 162 -2.99 22.90 2.93
N LYS A 163 -1.76 22.99 3.44
CA LYS A 163 -0.66 23.43 2.60
C LYS A 163 -0.40 22.45 1.47
N PHE A 164 -0.54 21.16 1.75
CA PHE A 164 -0.33 20.12 0.71
C PHE A 164 -1.35 20.28 -0.41
N ILE A 165 -2.63 20.33 -0.06
CA ILE A 165 -3.71 20.41 -1.10
C ILE A 165 -3.55 21.70 -1.90
N TRP A 166 -3.31 22.83 -1.23
CA TRP A 166 -3.11 24.10 -1.95
C TRP A 166 -1.92 23.96 -2.91
N SER A 167 -0.82 23.38 -2.45
CA SER A 167 0.36 23.28 -3.31
C SER A 167 0.13 22.34 -4.48
N ILE A 168 -0.49 21.18 -4.22
CA ILE A 168 -0.71 20.20 -5.27
C ILE A 168 -1.66 20.73 -6.32
N LEU A 169 -2.71 21.45 -5.90
CA LEU A 169 -3.68 21.96 -6.86
C LEU A 169 -3.04 22.96 -7.82
N HIS A 170 -2.00 23.66 -7.39
CA HIS A 170 -1.44 24.77 -8.17
C HIS A 170 -0.08 24.43 -8.79
N GLN A 171 0.26 23.15 -8.88
CA GLN A 171 1.47 22.76 -9.59
C GLN A 171 1.21 22.75 -11.09
N ASN A 172 2.30 22.79 -11.85
CA ASN A 172 2.19 22.64 -13.30
C ASN A 172 1.90 21.17 -13.63
N MET A 173 1.24 20.94 -14.76
CA MET A 173 0.79 19.56 -15.10
C MET A 173 1.99 18.63 -15.34
N ALA A 174 3.12 19.15 -15.82
CA ALA A 174 4.25 18.26 -16.16
C ALA A 174 4.73 17.55 -14.89
N TYR A 175 4.86 18.28 -13.78
CA TYR A 175 5.30 17.67 -12.49
C TYR A 175 4.25 16.67 -12.00
N LEU A 176 2.96 17.04 -12.09
CA LEU A 176 1.88 16.17 -11.58
C LEU A 176 1.86 14.87 -12.38
N ASP A 177 2.06 14.96 -13.70
CA ASP A 177 2.13 13.74 -14.56
C ASP A 177 3.36 12.91 -14.16
N SER A 178 4.47 13.56 -13.82
CA SER A 178 5.71 12.85 -13.42
C SER A 178 5.45 12.00 -12.18
N LEU A 179 4.70 12.54 -11.21
CA LEU A 179 4.41 11.80 -9.96
C LEU A 179 3.79 10.45 -10.31
N GLY A 180 4.32 9.36 -9.75
CA GLY A 180 3.83 8.01 -10.02
C GLY A 180 2.35 7.85 -9.74
N SER A 181 1.78 6.74 -10.21
CA SER A 181 0.36 6.50 -10.03
C SER A 181 0.05 6.24 -8.56
N GLY A 182 -0.91 6.99 -8.02
CA GLY A 182 -1.31 6.84 -6.64
C GLY A 182 -0.41 7.51 -5.62
N GLU A 183 0.55 8.32 -6.06
CA GLU A 183 1.45 8.97 -5.11
C GLU A 183 0.74 10.09 -4.35
N ILE A 184 -0.01 10.94 -5.07
CA ILE A 184 -0.65 12.07 -4.42
C ILE A 184 -1.73 11.60 -3.47
N THR A 185 -2.50 10.59 -3.87
CA THR A 185 -3.54 10.07 -2.98
C THR A 185 -2.94 9.42 -1.75
N SER A 186 -1.80 8.74 -1.90
CA SER A 186 -1.13 8.14 -0.75
C SER A 186 -0.58 9.21 0.18
N SER A 187 -0.08 10.32 -0.38
CA SER A 187 0.38 11.41 0.46
C SER A 187 -0.77 12.09 1.19
N ILE A 188 -1.93 12.18 0.53
CA ILE A 188 -3.09 12.79 1.17
C ILE A 188 -3.62 11.90 2.30
N THR A 189 -3.67 10.59 2.06
CA THR A 189 -4.33 9.69 3.01
C THR A 189 -3.34 9.06 3.99
N SER A 190 -2.25 8.47 3.50
CA SER A 190 -1.37 7.68 4.41
C SER A 190 -0.05 8.36 4.77
N ASP A 191 0.20 9.58 4.31
CA ASP A 191 1.47 10.24 4.75
C ASP A 191 1.14 11.36 5.74
N SER A 192 -0.11 11.84 5.75
CA SER A 192 -0.51 12.84 6.73
C SER A 192 -0.76 12.21 8.09
N GLN A 193 -1.24 10.97 8.12
CA GLN A 193 -1.43 10.28 9.39
C GLN A 193 -0.08 10.04 10.08
N LEU A 194 0.95 9.70 9.30
CA LEU A 194 2.28 9.52 9.87
C LEU A 194 2.80 10.82 10.47
N ILE A 195 2.58 11.94 9.79
CA ILE A 195 2.99 13.23 10.33
C ILE A 195 2.23 13.55 11.60
N GLN A 196 0.93 13.27 11.63
CA GLN A 196 0.14 13.54 12.82
C GLN A 196 0.57 12.64 13.98
N GLN A 197 1.00 11.42 13.69
CA GLN A 197 1.48 10.53 14.74
C GLN A 197 2.84 10.94 15.26
N GLY A 198 3.70 11.47 14.38
CA GLY A 198 5.03 11.88 14.81
C GLY A 198 5.01 12.97 15.85
N VAL A 199 3.98 13.82 15.83
CA VAL A 199 3.82 14.88 16.82
C VAL A 199 2.62 14.63 17.73
N SER A 200 2.09 13.41 17.71
CA SER A 200 0.95 13.04 18.55
C SER A 200 1.42 12.74 19.96
N GLU A 201 0.56 12.10 20.76
CA GLU A 201 0.96 11.69 22.10
C GLU A 201 2.17 10.77 22.11
N LYS A 202 2.58 10.25 20.95
CA LYS A 202 3.78 9.41 20.90
C LYS A 202 5.02 10.20 21.29
N ILE A 203 5.17 11.42 20.78
CA ILE A 203 6.30 12.25 21.17
C ILE A 203 6.17 12.67 22.64
N GLY A 204 4.95 12.81 23.14
CA GLY A 204 4.77 13.06 24.55
C GLY A 204 5.23 11.92 25.42
N LEU A 205 4.95 10.69 25.00
CA LEU A 205 5.43 9.53 25.74
C LEU A 205 6.94 9.37 25.63
N ALA A 206 7.52 9.73 24.48
CA ALA A 206 8.98 9.74 24.37
C ALA A 206 9.60 10.73 25.34
N ALA A 207 9.04 11.94 25.42
CA ALA A 207 9.54 12.92 26.39
C ALA A 207 9.34 12.44 27.82
N GLN A 208 8.20 11.80 28.09
CA GLN A 208 7.96 11.24 29.42
C GLN A 208 9.00 10.19 29.77
N SER A 209 9.34 9.32 28.82
CA SER A 209 10.32 8.28 29.08
C SER A 209 11.70 8.87 29.32
N ILE A 210 12.09 9.87 28.54
CA ILE A 210 13.39 10.50 28.75
C ILE A 210 13.43 11.18 30.12
N ALA A 211 12.36 11.88 30.47
CA ALA A 211 12.30 12.54 31.78
C ALA A 211 12.33 11.52 32.91
N THR A 212 11.66 10.39 32.72
CA THR A 212 11.66 9.35 33.75
C THR A 212 13.06 8.77 33.93
N VAL A 213 13.78 8.54 32.83
CA VAL A 213 15.15 8.04 32.94
C VAL A 213 16.01 9.05 33.70
N VAL A 214 15.93 10.32 33.31
CA VAL A 214 16.76 11.34 33.94
C VAL A 214 16.44 11.46 35.42
N SER A 215 15.14 11.47 35.76
CA SER A 215 14.74 11.60 37.15
C SER A 215 15.11 10.37 37.98
N ALA A 216 15.03 9.18 37.39
CA ALA A 216 15.43 7.98 38.12
C ALA A 216 16.92 7.98 38.43
N LEU A 217 17.75 8.34 37.44
CA LEU A 217 19.18 8.45 37.72
C LEU A 217 19.46 9.54 38.75
N THR A 218 18.77 10.67 38.66
CA THR A 218 18.97 11.74 39.63
C THR A 218 18.61 11.28 41.04
N VAL A 219 17.48 10.61 41.19
CA VAL A 219 17.05 10.13 42.51
C VAL A 219 18.06 9.11 43.05
N ALA A 220 18.48 8.17 42.21
CA ALA A 220 19.40 7.13 42.66
C ALA A 220 20.74 7.71 43.08
N PHE A 221 21.23 8.73 42.37
CA PHE A 221 22.51 9.33 42.74
C PHE A 221 22.38 10.26 43.93
N VAL A 222 21.26 10.97 44.07
CA VAL A 222 21.08 11.88 45.20
C VAL A 222 20.95 11.10 46.50
N ILE A 223 20.11 10.06 46.49
CA ILE A 223 19.83 9.31 47.75
C ILE A 223 21.05 8.52 48.20
N TYR A 224 21.66 7.72 47.30
CA TYR A 224 22.82 6.85 47.64
C TYR A 224 23.73 6.86 46.42
N TRP A 225 24.78 7.68 46.43
CA TRP A 225 25.57 7.85 45.21
C TRP A 225 26.59 6.73 44.99
N LYS A 226 27.12 6.14 46.05
CA LYS A 226 28.13 5.10 45.87
C LYS A 226 27.54 3.85 45.22
N LEU A 227 26.45 3.34 45.79
CA LEU A 227 25.81 2.15 45.23
C LEU A 227 25.24 2.45 43.86
N ALA A 228 24.70 3.65 43.66
CA ALA A 228 24.19 4.02 42.34
C ALA A 228 25.31 4.05 41.32
N LEU A 229 26.49 4.54 41.70
CA LEU A 229 27.62 4.54 40.80
C LEU A 229 28.05 3.12 40.44
N VAL A 230 28.09 2.24 41.43
CA VAL A 230 28.47 0.84 41.17
C VAL A 230 27.48 0.19 40.22
N LEU A 231 26.18 0.36 40.49
CA LEU A 231 25.16 -0.23 39.64
C LEU A 231 25.21 0.35 38.23
N LEU A 232 25.40 1.67 38.10
CA LEU A 232 25.48 2.28 36.79
C LEU A 232 26.67 1.74 36.00
N SER A 233 27.82 1.60 36.65
CA SER A 233 28.99 1.05 35.98
C SER A 233 28.71 -0.36 35.47
N VAL A 234 28.12 -1.20 36.32
CA VAL A 234 27.85 -2.59 35.92
C VAL A 234 26.85 -2.63 34.77
N MET A 235 25.78 -1.84 34.86
CA MET A 235 24.76 -1.84 33.82
C MET A 235 25.32 -1.34 32.49
N VAL A 236 26.12 -0.26 32.52
CA VAL A 236 26.71 0.26 31.29
C VAL A 236 27.65 -0.77 30.68
N ALA A 237 28.44 -1.46 31.51
CA ALA A 237 29.30 -2.51 31.00
C ALA A 237 28.48 -3.61 30.33
N LEU A 238 27.41 -4.06 30.97
CA LEU A 238 26.60 -5.13 30.42
C LEU A 238 25.78 -4.71 29.20
N ILE A 239 25.55 -3.43 28.99
CA ILE A 239 24.88 -2.95 27.79
C ILE A 239 25.85 -2.82 26.61
N LEU A 240 27.02 -2.23 26.87
CA LEU A 240 28.04 -2.15 25.83
C LEU A 240 28.54 -3.53 25.44
N SER A 241 28.31 -4.51 26.31
CA SER A 241 28.68 -5.92 25.99
C SER A 241 27.58 -6.59 25.17
N SER A 242 26.36 -6.02 25.17
CA SER A 242 25.22 -6.62 24.43
C SER A 242 25.04 -5.93 23.08
N THR A 243 25.87 -4.92 22.78
CA THR A 243 25.81 -4.22 21.47
C THR A 243 26.05 -5.21 20.34
N PRO A 244 26.96 -6.21 20.40
CA PRO A 244 27.05 -7.22 19.32
C PRO A 244 25.71 -7.89 19.01
N THR A 245 24.96 -8.32 20.04
CA THR A 245 23.69 -9.05 19.82
C THR A 245 22.71 -8.13 19.11
N ILE A 246 22.67 -6.84 19.40
CA ILE A 246 21.65 -5.96 18.77
C ILE A 246 22.02 -5.82 17.31
N LEU A 247 23.28 -5.56 17.01
CA LEU A 247 23.75 -5.49 15.63
C LEU A 247 23.36 -6.73 14.84
N MET A 248 23.55 -7.90 15.44
CA MET A 248 23.23 -9.19 14.76
C MET A 248 21.72 -9.27 14.49
N LEU A 249 20.89 -8.82 15.45
CA LEU A 249 19.44 -8.87 15.26
C LEU A 249 19.00 -7.95 14.12
N MET A 250 19.55 -6.73 14.07
CA MET A 250 19.19 -5.81 13.00
C MET A 250 19.65 -6.34 11.65
N GLN A 251 20.84 -6.94 11.61
CA GLN A 251 21.34 -7.53 10.34
C GLN A 251 20.34 -8.61 9.90
N ALA A 252 19.94 -9.51 10.81
CA ALA A 252 19.01 -10.58 10.47
C ALA A 252 17.71 -10.02 9.93
N TYR A 253 17.17 -8.98 10.56
CA TYR A 253 15.96 -8.34 10.04
C TYR A 253 16.16 -7.84 8.63
N THR A 254 17.27 -7.14 8.38
CA THR A 254 17.51 -6.58 7.05
C THR A 254 17.63 -7.68 6.00
N ASP A 255 18.36 -8.75 6.33
CA ASP A 255 18.52 -9.83 5.37
C ASP A 255 17.19 -10.53 5.07
N SER A 256 16.36 -10.74 6.09
CA SER A 256 15.06 -11.35 5.83
C SER A 256 14.18 -10.45 4.98
N ILE A 257 14.24 -9.14 5.22
CA ILE A 257 13.46 -8.20 4.39
C ILE A 257 13.92 -8.28 2.94
N ALA A 258 15.23 -8.31 2.71
CA ALA A 258 15.74 -8.38 1.34
C ALA A 258 15.34 -9.70 0.66
N SER A 259 15.42 -10.81 1.40
CA SER A 259 15.05 -12.09 0.81
C SER A 259 13.58 -12.13 0.42
N TYR A 260 12.70 -11.61 1.27
CA TYR A 260 11.32 -11.58 0.85
C TYR A 260 11.05 -10.52 -0.21
N GLY A 261 11.89 -9.50 -0.33
CA GLY A 261 11.78 -8.61 -1.48
C GLY A 261 12.02 -9.36 -2.79
N LYS A 262 13.04 -10.20 -2.81
CA LYS A 262 13.27 -11.05 -3.98
C LYS A 262 12.09 -11.99 -4.23
N ALA A 263 11.57 -12.60 -3.16
CA ALA A 263 10.43 -13.49 -3.32
C ALA A 263 9.21 -12.75 -3.84
N SER A 264 8.98 -11.52 -3.40
CA SER A 264 7.86 -10.74 -3.89
C SER A 264 8.04 -10.34 -5.34
N SER A 265 9.28 -10.17 -5.80
CA SER A 265 9.51 -9.88 -7.23
C SER A 265 9.10 -11.10 -8.07
N VAL A 266 9.42 -12.30 -7.60
CA VAL A 266 9.03 -13.56 -8.32
C VAL A 266 7.49 -13.65 -8.36
N ALA A 267 6.82 -13.31 -7.25
CA ALA A 267 5.35 -13.37 -7.20
C ALA A 267 4.76 -12.37 -8.20
N GLU A 268 5.33 -11.17 -8.28
CA GLU A 268 4.83 -10.13 -9.21
C GLU A 268 4.98 -10.62 -10.66
N GLU A 269 6.11 -11.24 -11.01
CA GLU A 269 6.27 -11.63 -12.43
C GLU A 269 5.31 -12.76 -12.77
N ALA A 270 5.09 -13.70 -11.83
CA ALA A 270 4.20 -14.86 -12.11
C ALA A 270 2.77 -14.40 -12.35
N PHE A 271 2.26 -13.48 -11.52
CA PHE A 271 0.87 -12.98 -11.66
C PHE A 271 0.71 -12.20 -12.97
N ALA A 272 1.71 -11.38 -13.31
CA ALA A 272 1.67 -10.60 -14.56
C ALA A 272 1.66 -11.56 -15.75
N ALA A 273 2.48 -12.61 -15.68
CA ALA A 273 2.57 -13.59 -16.78
C ALA A 273 1.76 -14.84 -16.43
N ILE A 274 0.60 -14.67 -15.81
CA ILE A 274 -0.19 -15.83 -15.40
C ILE A 274 -0.70 -16.61 -16.61
N LYS A 275 -0.95 -15.93 -17.75
CA LYS A 275 -1.43 -16.64 -18.92
C LYS A 275 -0.39 -17.63 -19.43
N THR A 276 0.88 -17.20 -19.52
CA THR A 276 1.93 -18.09 -19.99
C THR A 276 2.15 -19.26 -19.05
N ALA A 277 2.16 -18.99 -17.74
CA ALA A 277 2.35 -20.05 -16.76
C ALA A 277 1.19 -21.05 -16.82
N THR A 278 -0.04 -20.56 -16.95
CA THR A 278 -1.19 -21.44 -17.06
C THR A 278 -1.11 -22.28 -18.34
N ALA A 279 -0.72 -21.67 -19.45
CA ALA A 279 -0.65 -22.40 -20.70
C ALA A 279 0.43 -23.47 -20.68
N PHE A 280 1.58 -23.16 -20.09
CA PHE A 280 2.72 -24.07 -20.10
C PHE A 280 2.83 -24.90 -18.82
N GLY A 281 1.86 -24.79 -17.92
CA GLY A 281 1.91 -25.56 -16.69
C GLY A 281 3.07 -25.19 -15.79
N ALA A 282 3.57 -23.95 -15.88
CA ALA A 282 4.67 -23.52 -15.02
C ALA A 282 4.13 -23.07 -13.67
N HIS A 283 3.33 -23.93 -13.03
CA HIS A 283 2.84 -23.65 -11.69
C HIS A 283 3.74 -24.22 -10.61
N GLU A 284 4.55 -25.23 -10.93
CA GLU A 284 5.56 -25.72 -10.02
C GLU A 284 6.88 -25.00 -10.18
N PHE A 285 7.21 -24.56 -11.39
CA PHE A 285 8.44 -23.80 -11.61
C PHE A 285 8.41 -22.48 -10.84
N GLN A 286 7.29 -21.76 -10.94
CA GLN A 286 7.15 -20.50 -10.21
C GLN A 286 7.15 -20.73 -8.70
N LEU A 287 6.52 -21.82 -8.25
CA LEU A 287 6.47 -22.11 -6.82
C LEU A 287 7.84 -22.49 -6.29
N GLN A 288 8.66 -23.18 -7.10
CA GLN A 288 10.01 -23.51 -6.66
C GLN A 288 10.90 -22.28 -6.68
N LYS A 289 10.64 -21.32 -7.55
CA LYS A 289 11.46 -20.09 -7.55
C LYS A 289 11.03 -19.22 -6.37
N TYR A 290 9.75 -19.27 -6.00
CA TYR A 290 9.30 -18.54 -4.82
C TYR A 290 9.84 -19.16 -3.55
N ASP A 291 9.71 -20.48 -3.41
CA ASP A 291 10.14 -21.18 -2.21
C ASP A 291 11.65 -21.06 -1.99
N GLU A 292 12.42 -20.82 -3.04
CA GLU A 292 13.86 -20.67 -2.87
C GLU A 292 14.21 -19.39 -2.12
N PHE A 293 13.33 -18.39 -2.18
CA PHE A 293 13.59 -17.10 -1.52
C PHE A 293 12.88 -16.95 -0.19
N ILE A 294 11.72 -17.59 -0.01
CA ILE A 294 11.09 -17.61 1.31
C ILE A 294 11.71 -18.66 2.22
N LEU A 295 12.66 -19.44 1.72
CA LEU A 295 13.48 -20.29 2.57
C LEU A 295 14.74 -19.59 3.05
N GLU A 296 15.16 -18.53 2.37
CA GLU A 296 16.22 -17.68 2.89
C GLU A 296 15.71 -16.80 4.03
N SER A 297 14.48 -16.32 3.93
CA SER A 297 13.89 -15.54 5.01
C SER A 297 13.77 -16.38 6.28
N LYS A 298 13.45 -17.67 6.14
CA LYS A 298 13.44 -18.56 7.30
C LYS A 298 14.85 -18.72 7.89
N GLY A 299 15.85 -18.84 7.02
CA GLY A 299 17.22 -18.95 7.51
C GLY A 299 17.67 -17.72 8.27
N TYR A 300 17.27 -16.54 7.81
CA TYR A 300 17.58 -15.33 8.55
C TYR A 300 16.71 -15.17 9.79
N GLY A 301 15.50 -15.72 9.76
CA GLY A 301 14.67 -15.73 10.96
C GLY A 301 15.24 -16.59 12.05
N LYS A 302 16.10 -17.54 11.74
CA LYS A 302 16.77 -18.35 12.79
C LYS A 302 17.82 -17.50 13.47
N LYS A 303 18.50 -16.67 12.73
CA LYS A 303 19.44 -15.72 13.38
C LYS A 303 18.62 -14.70 14.19
N LYS A 304 17.49 -14.25 13.64
CA LYS A 304 16.62 -13.34 14.36
C LYS A 304 16.19 -13.93 15.71
N ALA A 305 15.81 -15.20 15.71
CA ALA A 305 15.40 -15.88 16.94
C ALA A 305 16.56 -15.98 17.93
N ILE A 306 17.74 -16.35 17.44
CA ILE A 306 18.89 -16.48 18.35
C ILE A 306 19.24 -15.12 18.95
N SER A 307 19.24 -14.07 18.13
CA SER A 307 19.59 -12.75 18.63
C SER A 307 18.54 -12.22 19.61
N LEU A 308 17.27 -12.46 19.32
CA LEU A 308 16.18 -11.99 20.21
C LEU A 308 16.28 -12.76 21.54
N ALA A 309 16.55 -14.06 21.51
CA ALA A 309 16.69 -14.81 22.75
C ALA A 309 17.88 -14.29 23.57
N LEU A 310 19.02 -14.05 22.91
CA LEU A 310 20.19 -13.55 23.64
C LEU A 310 19.92 -12.18 24.25
N MET A 311 19.26 -11.31 23.48
CA MET A 311 19.00 -9.93 23.97
C MET A 311 18.02 -9.99 25.14
N MET A 312 16.92 -10.73 25.00
CA MET A 312 15.93 -10.79 26.07
C MET A 312 16.44 -11.55 27.29
N GLY A 313 17.46 -12.39 27.12
CA GLY A 313 18.12 -12.96 28.27
C GLY A 313 19.09 -12.00 28.94
N SER A 314 19.78 -11.18 28.14
CA SER A 314 20.66 -10.16 28.72
C SER A 314 19.87 -9.13 29.50
N ILE A 315 18.67 -8.77 29.03
CA ILE A 315 17.85 -7.74 29.73
C ILE A 315 17.46 -8.27 31.11
N TRP A 316 17.17 -9.56 31.24
CA TRP A 316 16.84 -10.11 32.55
C TRP A 316 18.07 -10.41 33.39
N PHE A 317 19.18 -10.76 32.75
CA PHE A 317 20.44 -10.91 33.47
C PHE A 317 20.82 -9.62 34.16
N ILE A 318 20.68 -8.50 33.45
CA ILE A 318 20.94 -7.20 34.06
C ILE A 318 20.03 -6.99 35.26
N VAL A 319 18.75 -7.36 35.12
CA VAL A 319 17.79 -7.12 36.20
C VAL A 319 18.20 -7.85 37.47
N PHE A 320 18.34 -9.19 37.41
CA PHE A 320 18.59 -9.85 38.68
C PHE A 320 20.02 -9.64 39.14
N ALA A 321 20.97 -9.44 38.20
CA ALA A 321 22.34 -9.17 38.61
C ALA A 321 22.43 -7.87 39.38
N THR A 322 21.75 -6.84 38.88
CA THR A 322 21.71 -5.53 39.58
C THR A 322 21.04 -5.74 40.94
N TYR A 323 19.91 -6.45 40.98
CA TYR A 323 19.22 -6.66 42.25
C TYR A 323 20.15 -7.27 43.29
N ALA A 324 20.79 -8.40 42.95
CA ALA A 324 21.66 -9.10 43.88
C ALA A 324 22.88 -8.24 44.24
N LEU A 325 23.48 -7.59 43.24
CA LEU A 325 24.64 -6.75 43.48
C LEU A 325 24.30 -5.55 44.33
N ALA A 326 23.13 -4.94 44.10
CA ALA A 326 22.72 -3.81 44.91
C ALA A 326 22.57 -4.22 46.36
N PHE A 327 21.89 -5.34 46.62
CA PHE A 327 21.73 -5.74 48.02
C PHE A 327 23.06 -6.13 48.65
N TRP A 328 23.90 -6.87 47.92
CA TRP A 328 25.17 -7.32 48.47
C TRP A 328 26.10 -6.15 48.76
N GLN A 329 26.29 -5.27 47.79
CA GLN A 329 27.18 -4.13 47.97
C GLN A 329 26.61 -3.13 48.96
N GLY A 330 25.28 -3.01 49.05
CA GLY A 330 24.70 -2.17 50.08
C GLY A 330 24.97 -2.70 51.46
N SER A 331 24.89 -4.03 51.64
CA SER A 331 25.27 -4.61 52.92
C SER A 331 26.74 -4.39 53.21
N ARG A 332 27.59 -4.48 52.18
CA ARG A 332 29.02 -4.27 52.39
C ARG A 332 29.32 -2.82 52.75
N PHE A 333 28.53 -1.88 52.23
CA PHE A 333 28.74 -0.45 52.55
C PHE A 333 28.09 -0.11 53.90
N MET A 334 27.10 -0.88 54.34
CA MET A 334 26.37 -0.54 55.59
C MET A 334 27.31 -0.64 56.80
N VAL A 335 28.35 -1.47 56.71
CA VAL A 335 29.22 -1.67 57.87
C VAL A 335 30.03 -0.40 58.11
N SER A 336 29.87 0.58 57.23
CA SER A 336 30.53 1.87 57.36
C SER A 336 29.61 3.07 57.23
N ASP A 337 28.47 2.94 56.56
CA ASP A 337 27.57 4.06 56.33
C ASP A 337 26.30 4.03 57.16
N ASN A 338 25.85 2.86 57.60
CA ASN A 338 24.56 2.71 58.27
C ASN A 338 23.43 3.26 57.40
N SER A 339 23.49 2.96 56.10
CA SER A 339 22.52 3.50 55.16
C SER A 339 21.13 2.89 55.39
N GLY A 340 21.08 1.58 55.60
CA GLY A 340 19.83 0.91 55.84
C GLY A 340 19.23 0.32 54.57
N ILE A 341 18.19 -0.49 54.76
CA ILE A 341 17.53 -1.14 53.63
C ILE A 341 16.81 -0.12 52.77
N GLY A 342 16.36 0.99 53.36
CA GLY A 342 15.60 1.96 52.59
C GLY A 342 16.40 2.56 51.45
N LYS A 343 17.63 3.00 51.73
CA LYS A 343 18.44 3.62 50.70
C LYS A 343 18.86 2.62 49.62
N ILE A 344 19.20 1.40 50.04
CA ILE A 344 19.57 0.37 49.07
C ILE A 344 18.40 0.06 48.14
N LEU A 345 17.21 -0.11 48.72
CA LEU A 345 16.03 -0.38 47.90
C LEU A 345 15.71 0.78 46.98
N THR A 346 15.81 2.02 47.47
CA THR A 346 15.55 3.18 46.63
C THR A 346 16.51 3.24 45.45
N ALA A 347 17.81 3.05 45.72
CA ALA A 347 18.80 3.12 44.65
C ALA A 347 18.57 2.01 43.62
N CYS A 348 18.37 0.77 44.09
CA CYS A 348 18.17 -0.33 43.17
C CYS A 348 16.92 -0.13 42.33
N MET A 349 15.80 0.25 42.97
CA MET A 349 14.56 0.44 42.25
C MET A 349 14.67 1.57 41.23
N ALA A 350 15.32 2.67 41.61
CA ALA A 350 15.47 3.79 40.69
C ALA A 350 16.31 3.40 39.48
N MET A 351 17.41 2.68 39.71
CA MET A 351 18.27 2.23 38.59
C MET A 351 17.47 1.39 37.60
N LEU A 352 16.89 0.28 38.05
CA LEU A 352 16.12 -0.64 37.15
C LEU A 352 15.00 0.14 36.47
N PHE A 353 14.17 0.85 37.23
CA PHE A 353 13.09 1.71 36.69
C PHE A 353 13.63 2.49 35.48
N GLY A 354 14.60 3.37 35.72
CA GLY A 354 15.19 4.18 34.64
C GLY A 354 15.55 3.33 33.44
N SER A 355 16.29 2.23 33.64
CA SER A 355 16.75 1.39 32.51
C SER A 355 15.55 0.80 31.76
N LEU A 356 14.57 0.28 32.48
CA LEU A 356 13.40 -0.41 31.84
C LEU A 356 12.64 0.55 30.94
N ILE A 357 12.59 1.83 31.29
CA ILE A 357 11.76 2.80 30.50
C ILE A 357 12.47 3.14 29.19
N ILE A 358 13.77 2.86 29.07
CA ILE A 358 14.49 3.12 27.82
C ILE A 358 13.81 2.42 26.65
N GLY A 359 13.25 1.25 26.88
CA GLY A 359 12.52 0.53 25.80
C GLY A 359 11.32 1.32 25.33
N ASN A 360 10.56 1.90 26.27
CA ASN A 360 9.34 2.67 25.93
C ASN A 360 9.72 3.89 25.08
N ALA A 361 10.82 4.55 25.43
CA ALA A 361 11.25 5.74 24.66
C ALA A 361 11.55 5.33 23.22
N THR A 362 12.24 4.20 23.02
CA THR A 362 12.64 3.77 21.65
C THR A 362 11.39 3.47 20.81
N ILE A 363 10.42 2.73 21.36
CA ILE A 363 9.18 2.38 20.61
C ILE A 363 8.46 3.67 20.20
N SER A 364 8.31 4.60 21.14
CA SER A 364 7.63 5.90 20.86
C SER A 364 8.44 6.71 19.84
N LEU A 365 9.77 6.70 19.96
CA LEU A 365 10.64 7.49 19.05
C LEU A 365 10.58 6.90 17.63
N LYS A 366 10.24 5.62 17.51
CA LYS A 366 10.07 5.06 16.17
C LYS A 366 8.99 5.82 15.40
N PHE A 367 7.87 6.13 16.06
CA PHE A 367 6.81 6.89 15.43
C PHE A 367 7.28 8.29 15.05
N VAL A 368 8.10 8.91 15.90
CA VAL A 368 8.61 10.24 15.60
C VAL A 368 9.49 10.21 14.35
N MET A 369 10.35 9.21 14.25
CA MET A 369 11.21 9.10 13.06
C MET A 369 10.41 8.84 11.79
N VAL A 370 9.42 7.95 11.86
CA VAL A 370 8.59 7.68 10.69
C VAL A 370 7.81 8.93 10.28
N GLY A 371 7.31 9.67 11.27
CA GLY A 371 6.59 10.92 10.98
C GLY A 371 7.47 11.95 10.30
N LEU A 372 8.73 12.08 10.74
CA LEU A 372 9.66 13.07 10.16
C LEU A 372 10.00 12.69 8.72
N SER A 373 10.12 11.39 8.43
CA SER A 373 10.37 10.93 7.04
C SER A 373 9.17 11.29 6.16
N ALA A 374 7.94 11.08 6.67
CA ALA A 374 6.73 11.45 5.92
C ALA A 374 6.68 12.97 5.71
N ALA A 375 7.06 13.74 6.72
CA ALA A 375 7.13 15.22 6.57
C ALA A 375 8.18 15.57 5.52
N SER A 376 9.32 14.89 5.54
CA SER A 376 10.39 15.14 4.54
C SER A 376 9.81 14.95 3.14
N LYS A 377 8.86 14.02 3.00
CA LYS A 377 8.20 13.82 1.71
C LYS A 377 7.19 14.93 1.43
N LEU A 378 6.28 15.17 2.36
CA LEU A 378 5.21 16.15 2.13
C LEU A 378 5.74 17.56 2.00
N PHE A 379 6.79 17.92 2.74
CA PHE A 379 7.37 19.25 2.60
C PHE A 379 8.20 19.40 1.35
N ALA A 380 8.72 18.31 0.80
CA ALA A 380 9.42 18.45 -0.51
C ALA A 380 8.40 18.98 -1.53
N MET A 381 7.25 18.32 -1.65
CA MET A 381 6.18 18.72 -2.61
C MET A 381 5.58 20.08 -2.26
N ILE A 382 5.34 20.36 -0.98
CA ILE A 382 4.70 21.64 -0.55
C ILE A 382 5.60 22.81 -0.94
N ASN A 383 6.92 22.67 -0.75
CA ASN A 383 7.84 23.80 -0.99
C ASN A 383 8.15 23.97 -2.49
N ARG A 384 8.03 22.91 -3.30
CA ARG A 384 8.37 23.06 -4.70
C ARG A 384 7.56 24.18 -5.34
N GLU A 385 8.24 25.06 -6.06
CA GLU A 385 7.50 26.12 -6.73
C GLU A 385 7.13 25.68 -8.13
N PRO A 386 5.88 25.90 -8.55
CA PRO A 386 5.47 25.46 -9.88
C PRO A 386 6.12 26.28 -10.98
N TYR A 387 6.20 25.68 -12.17
CA TYR A 387 6.79 26.38 -13.30
C TYR A 387 5.91 27.54 -13.74
N PHE A 388 4.59 27.37 -13.65
CA PHE A 388 3.64 28.42 -14.00
C PHE A 388 3.05 29.03 -12.74
N ASP A 389 3.03 30.36 -12.68
CA ASP A 389 2.48 31.08 -11.53
C ASP A 389 0.98 31.28 -11.75
N SER A 390 0.23 30.21 -11.51
CA SER A 390 -1.22 30.27 -11.60
C SER A 390 -1.88 30.63 -10.28
N ALA A 391 -1.19 30.38 -9.17
CA ALA A 391 -1.75 30.73 -7.86
C ALA A 391 -1.89 32.23 -7.70
N SER A 392 -0.88 32.99 -8.13
CA SER A 392 -0.89 34.43 -7.98
C SER A 392 -1.84 35.07 -8.99
N ASP A 393 -1.98 36.39 -8.88
CA ASP A 393 -2.79 37.18 -9.80
C ASP A 393 -1.92 37.97 -10.77
N ALA A 394 -0.67 37.55 -10.96
CA ALA A 394 0.23 38.26 -11.86
C ALA A 394 -0.14 37.95 -13.31
N GLY A 395 -0.25 38.98 -14.13
CA GLY A 395 -0.60 38.84 -15.52
C GLY A 395 -1.66 39.86 -15.94
N GLU A 396 -1.89 39.90 -17.24
CA GLU A 396 -2.85 40.81 -17.84
C GLU A 396 -4.16 40.10 -18.12
N LYS A 397 -5.22 40.89 -18.27
CA LYS A 397 -6.55 40.38 -18.60
C LYS A 397 -7.07 41.17 -19.79
N ILE A 398 -7.33 40.47 -20.90
CA ILE A 398 -7.86 41.13 -22.08
C ILE A 398 -9.32 41.47 -21.87
N ASN A 399 -9.68 42.71 -22.17
CA ASN A 399 -11.06 43.17 -22.08
C ASN A 399 -11.73 43.00 -23.44
N GLU A 400 -13.03 42.69 -23.42
CA GLU A 400 -13.78 42.44 -24.69
C GLU A 400 -13.04 41.37 -25.51
N PHE A 401 -12.75 40.22 -24.91
CA PHE A 401 -12.01 39.17 -25.61
C PHE A 401 -12.76 38.70 -26.85
N ASP A 402 -12.17 38.95 -28.02
CA ASP A 402 -12.81 38.54 -29.26
C ASP A 402 -12.87 37.03 -29.40
N GLY A 403 -11.74 36.36 -29.19
CA GLY A 403 -11.68 34.91 -29.32
C GLY A 403 -10.74 34.46 -30.43
N SER A 404 -9.80 35.32 -30.81
CA SER A 404 -8.87 35.03 -31.88
C SER A 404 -7.58 34.45 -31.31
N ILE A 405 -7.08 33.39 -31.93
CA ILE A 405 -5.85 32.73 -31.51
C ILE A 405 -4.86 32.74 -32.66
N SER A 406 -3.58 32.78 -32.32
CA SER A 406 -2.54 32.82 -33.36
C SER A 406 -1.33 32.02 -32.86
N PHE A 407 -1.07 30.89 -33.51
CA PHE A 407 0.16 30.15 -33.27
C PHE A 407 1.18 30.54 -34.33
N ARG A 408 2.39 30.89 -33.86
CA ARG A 408 3.46 31.35 -34.79
C ARG A 408 4.76 30.57 -34.52
N ASN A 409 5.04 29.54 -35.33
CA ASN A 409 6.27 28.76 -35.24
C ASN A 409 6.42 28.07 -33.89
N VAL A 410 5.32 27.57 -33.35
CA VAL A 410 5.33 26.98 -32.03
C VAL A 410 6.02 25.63 -32.07
N THR A 411 7.02 25.45 -31.21
CA THR A 411 7.76 24.20 -31.08
C THR A 411 7.71 23.75 -29.62
N THR A 412 7.60 22.44 -29.40
CA THR A 412 7.42 21.94 -28.06
C THR A 412 8.02 20.55 -27.93
N ARG A 413 8.65 20.27 -26.79
CA ARG A 413 9.16 18.90 -26.50
C ARG A 413 8.72 18.57 -25.08
N TYR A 414 8.06 17.44 -24.87
CA TYR A 414 7.52 17.12 -23.51
C TYR A 414 8.69 16.87 -22.55
N PRO A 415 8.60 17.30 -21.27
CA PRO A 415 9.68 17.09 -20.31
C PRO A 415 10.08 15.62 -20.12
N SER A 416 9.10 14.71 -20.12
CA SER A 416 9.37 13.29 -19.92
C SER A 416 10.32 12.74 -20.99
N ARG A 417 10.14 13.19 -22.23
CA ARG A 417 10.93 12.71 -23.37
C ARG A 417 11.52 13.92 -24.08
N PRO A 418 12.65 14.43 -23.59
CA PRO A 418 13.21 15.67 -24.12
C PRO A 418 13.95 15.53 -25.44
N ASP A 419 13.86 14.39 -26.11
CA ASP A 419 14.55 14.19 -27.39
C ASP A 419 13.60 14.17 -28.58
N ILE A 420 12.31 13.93 -28.37
CA ILE A 420 11.33 13.90 -29.44
C ILE A 420 10.60 15.25 -29.48
N THR A 421 10.50 15.82 -30.67
CA THR A 421 9.77 17.08 -30.86
C THR A 421 8.32 16.73 -31.18
N VAL A 422 7.45 16.84 -30.17
CA VAL A 422 6.06 16.44 -30.33
C VAL A 422 5.33 17.37 -31.29
N LEU A 423 5.66 18.66 -31.25
CA LEU A 423 5.03 19.67 -32.10
C LEU A 423 6.12 20.56 -32.66
N SER A 424 6.20 20.65 -33.99
CA SER A 424 7.29 21.37 -34.64
C SER A 424 6.72 22.39 -35.62
N ASP A 425 7.17 23.65 -35.47
CA ASP A 425 6.85 24.73 -36.39
C ASP A 425 5.35 24.79 -36.69
N PHE A 426 4.55 24.93 -35.63
CA PHE A 426 3.11 24.99 -35.76
C PHE A 426 2.69 26.45 -35.98
N THR A 427 2.08 26.73 -37.13
CA THR A 427 1.60 28.05 -37.48
C THR A 427 0.14 27.97 -37.87
N LEU A 428 -0.68 28.86 -37.29
CA LEU A 428 -2.11 28.80 -37.54
C LEU A 428 -2.74 30.11 -37.06
N ASP A 429 -3.83 30.51 -37.70
CA ASP A 429 -4.58 31.70 -37.30
C ASP A 429 -6.05 31.33 -37.21
N ILE A 430 -6.67 31.64 -36.08
CA ILE A 430 -8.06 31.30 -35.81
C ILE A 430 -8.78 32.61 -35.52
N LYS A 431 -9.53 33.11 -36.50
CA LYS A 431 -10.34 34.30 -36.32
C LYS A 431 -11.56 33.95 -35.46
N PRO A 432 -12.20 34.96 -34.87
CA PRO A 432 -13.40 34.68 -34.06
C PRO A 432 -14.48 34.00 -34.89
N GLY A 433 -15.15 33.03 -34.27
CA GLY A 433 -16.22 32.30 -34.91
C GLY A 433 -15.80 31.13 -35.76
N GLN A 434 -14.50 31.07 -36.08
CA GLN A 434 -13.99 29.99 -36.98
C GLN A 434 -13.89 28.67 -36.22
N THR A 435 -14.51 27.62 -36.75
CA THR A 435 -14.36 26.27 -36.13
C THR A 435 -13.27 25.55 -36.91
N ILE A 436 -12.12 25.29 -36.27
CA ILE A 436 -10.99 24.61 -36.96
C ILE A 436 -10.98 23.14 -36.53
N ALA A 437 -10.51 22.25 -37.40
CA ALA A 437 -10.43 20.81 -37.03
C ALA A 437 -8.99 20.32 -37.13
N LEU A 438 -8.49 19.64 -36.10
CA LEU A 438 -7.13 19.07 -36.16
C LEU A 438 -7.27 17.56 -36.43
N VAL A 439 -6.67 17.08 -37.51
CA VAL A 439 -6.79 15.64 -37.89
C VAL A 439 -5.38 15.04 -38.00
N GLY A 440 -5.29 13.72 -38.07
CA GLY A 440 -4.00 13.06 -38.21
C GLY A 440 -4.00 11.73 -37.47
N GLU A 441 -2.97 10.94 -37.76
CA GLU A 441 -2.82 9.66 -37.10
C GLU A 441 -2.45 9.86 -35.63
N SER A 442 -2.61 8.79 -34.85
CA SER A 442 -2.30 8.84 -33.43
C SER A 442 -0.85 9.21 -33.21
N GLY A 443 -0.61 10.05 -32.20
CA GLY A 443 0.72 10.54 -31.93
C GLY A 443 1.18 11.71 -32.78
N SER A 444 0.29 12.28 -33.58
CA SER A 444 0.66 13.43 -34.40
C SER A 444 0.94 14.66 -33.53
N GLY A 445 0.18 14.83 -32.46
CA GLY A 445 0.36 15.99 -31.61
C GLY A 445 -0.86 16.88 -31.59
N LYS A 446 -2.04 16.29 -31.75
CA LYS A 446 -3.27 17.07 -31.78
C LYS A 446 -3.64 17.58 -30.38
N SER A 447 -3.50 16.72 -29.38
CA SER A 447 -3.82 17.09 -27.98
C SER A 447 -2.71 17.96 -27.40
N THR A 448 -1.56 18.02 -28.06
CA THR A 448 -0.50 18.92 -27.61
C THR A 448 -0.87 20.37 -27.81
N VAL A 449 -1.60 20.69 -28.88
CA VAL A 449 -2.06 22.06 -29.10
C VAL A 449 -2.98 22.49 -27.97
N ILE A 450 -3.91 21.63 -27.57
CA ILE A 450 -4.84 21.95 -26.49
C ILE A 450 -4.09 22.06 -25.17
N ALA A 451 -3.11 21.20 -24.93
CA ALA A 451 -2.32 21.29 -23.71
C ALA A 451 -1.51 22.58 -23.64
N LEU A 452 -1.00 23.05 -24.78
CA LEU A 452 -0.31 24.33 -24.82
C LEU A 452 -1.27 25.48 -24.56
N LEU A 453 -2.47 25.42 -25.15
CA LEU A 453 -3.45 26.48 -24.94
C LEU A 453 -3.88 26.59 -23.48
N GLU A 454 -4.10 25.44 -22.84
CA GLU A 454 -4.56 25.41 -21.46
C GLU A 454 -3.43 25.61 -20.46
N ARG A 455 -2.22 25.89 -20.92
CA ARG A 455 -1.04 26.13 -20.08
C ARG A 455 -0.63 24.92 -19.26
N PHE A 456 -1.07 23.72 -19.65
CA PHE A 456 -0.58 22.52 -18.98
C PHE A 456 0.92 22.33 -19.23
N TYR A 457 1.37 22.59 -20.45
CA TYR A 457 2.76 22.41 -20.82
C TYR A 457 3.27 23.68 -21.48
N GLU A 458 4.59 23.84 -21.48
CA GLU A 458 5.24 25.04 -22.00
C GLU A 458 5.81 24.78 -23.38
N TYR A 459 5.60 25.72 -24.29
CA TYR A 459 6.16 25.64 -25.62
C TYR A 459 7.52 26.33 -25.63
N LEU A 460 8.53 25.62 -26.13
CA LEU A 460 9.91 26.11 -26.03
C LEU A 460 10.14 27.31 -26.94
N ASP A 461 9.72 27.21 -28.19
CA ASP A 461 9.92 28.27 -29.17
C ASP A 461 8.62 28.55 -29.89
N GLY A 462 8.47 29.79 -30.35
CA GLY A 462 7.28 30.22 -31.05
C GLY A 462 6.56 31.32 -30.30
N GLU A 463 5.27 31.48 -30.62
CA GLU A 463 4.47 32.50 -29.95
C GLU A 463 2.98 32.25 -30.13
N ILE A 464 2.25 32.20 -29.02
CA ILE A 464 0.80 32.05 -29.03
C ILE A 464 0.18 33.37 -28.60
N LEU A 465 -0.73 33.89 -29.41
CA LEU A 465 -1.33 35.19 -29.18
C LEU A 465 -2.84 35.07 -29.08
N LEU A 466 -3.41 35.70 -28.05
CA LEU A 466 -4.86 35.84 -27.91
C LEU A 466 -5.20 37.31 -28.15
N ASP A 467 -5.78 37.60 -29.30
CA ASP A 467 -6.07 38.98 -29.73
C ASP A 467 -4.81 39.85 -29.69
N GLY A 468 -3.69 39.29 -30.15
CA GLY A 468 -2.45 40.03 -30.24
C GLY A 468 -1.63 40.11 -28.96
N VAL A 469 -2.11 39.51 -27.87
CA VAL A 469 -1.39 39.51 -26.61
C VAL A 469 -0.73 38.15 -26.42
N ASP A 470 0.55 38.16 -26.04
CA ASP A 470 1.28 36.92 -25.85
C ASP A 470 0.63 36.07 -24.76
N LEU A 471 0.61 34.75 -24.97
CA LEU A 471 0.00 33.86 -24.00
C LEU A 471 0.84 33.76 -22.73
N LYS A 472 2.15 33.98 -22.83
CA LYS A 472 3.02 33.91 -21.67
C LYS A 472 2.88 35.11 -20.75
N SER A 473 2.15 36.14 -21.17
CA SER A 473 1.98 37.36 -20.39
C SER A 473 0.52 37.59 -20.06
N LEU A 474 -0.20 36.52 -19.73
CA LEU A 474 -1.61 36.60 -19.39
C LEU A 474 -1.86 35.81 -18.11
N ASN A 475 -2.89 36.22 -17.37
CA ASN A 475 -3.25 35.52 -16.15
C ASN A 475 -3.75 34.12 -16.49
N ILE A 476 -3.09 33.11 -15.92
CA ILE A 476 -3.34 31.72 -16.33
C ILE A 476 -4.75 31.31 -15.97
N LYS A 477 -5.22 31.66 -14.77
CA LYS A 477 -6.57 31.29 -14.38
C LYS A 477 -7.61 31.97 -15.26
N TRP A 478 -7.38 33.25 -15.60
CA TRP A 478 -8.27 33.93 -16.53
C TRP A 478 -8.26 33.28 -17.90
N VAL A 479 -7.07 32.89 -18.37
CA VAL A 479 -6.95 32.24 -19.67
C VAL A 479 -7.76 30.94 -19.69
N ARG A 480 -7.62 30.13 -18.63
CA ARG A 480 -8.38 28.90 -18.54
C ARG A 480 -9.87 29.14 -18.35
N GLN A 481 -10.24 30.28 -17.76
CA GLN A 481 -11.65 30.61 -17.62
C GLN A 481 -12.28 31.03 -18.93
N GLN A 482 -11.50 31.62 -19.83
CA GLN A 482 -12.03 32.03 -21.13
C GLN A 482 -12.25 30.86 -22.09
N MET A 483 -11.77 29.67 -21.76
CA MET A 483 -11.97 28.49 -22.58
C MET A 483 -12.89 27.50 -21.89
N ALA A 484 -13.21 26.44 -22.61
CA ALA A 484 -14.01 25.34 -22.07
C ALA A 484 -13.52 24.05 -22.72
N LEU A 485 -12.99 23.14 -21.90
CA LEU A 485 -12.38 21.92 -22.39
C LEU A 485 -13.34 20.76 -22.20
N VAL A 486 -13.69 20.10 -23.31
CA VAL A 486 -14.58 18.95 -23.31
C VAL A 486 -13.74 17.76 -23.75
N GLN A 487 -13.28 16.96 -22.79
CA GLN A 487 -12.37 15.87 -23.05
C GLN A 487 -13.13 14.63 -23.54
N GLN A 488 -12.35 13.61 -23.92
CA GLN A 488 -12.96 12.37 -24.39
C GLN A 488 -13.70 11.65 -23.27
N GLU A 489 -13.06 11.51 -22.12
CA GLU A 489 -13.67 10.86 -20.97
C GLU A 489 -14.21 11.93 -20.03
N PRO A 490 -15.52 12.11 -19.93
CA PRO A 490 -16.06 13.18 -19.09
C PRO A 490 -15.98 12.80 -17.62
N VAL A 491 -15.60 13.79 -16.81
CA VAL A 491 -15.43 13.59 -15.36
C VAL A 491 -16.52 14.38 -14.65
N LEU A 492 -17.33 13.67 -13.87
CA LEU A 492 -18.33 14.27 -13.01
C LEU A 492 -17.99 13.97 -11.56
N PHE A 493 -18.03 15.00 -10.72
CA PHE A 493 -17.66 14.86 -9.32
C PHE A 493 -18.87 14.46 -8.49
N ALA A 494 -18.60 13.96 -7.29
CA ALA A 494 -19.66 13.44 -6.43
C ALA A 494 -20.49 14.56 -5.83
N ALA A 495 -21.49 15.02 -6.58
CA ALA A 495 -22.37 16.09 -6.14
C ALA A 495 -23.64 16.03 -6.98
N SER A 496 -24.61 16.88 -6.62
CA SER A 496 -25.83 16.98 -7.39
C SER A 496 -25.52 17.51 -8.79
N ILE A 497 -26.35 17.12 -9.76
CA ILE A 497 -26.16 17.52 -11.14
C ILE A 497 -26.16 19.04 -11.24
N TYR A 498 -26.98 19.69 -10.41
CA TYR A 498 -26.95 21.14 -10.34
C TYR A 498 -25.57 21.64 -9.95
N GLU A 499 -24.95 21.02 -8.95
CA GLU A 499 -23.62 21.44 -8.52
C GLU A 499 -22.57 21.13 -9.58
N ASN A 500 -22.69 19.97 -10.23
CA ASN A 500 -21.72 19.61 -11.28
C ASN A 500 -21.78 20.60 -12.43
N VAL A 501 -22.98 21.03 -12.82
CA VAL A 501 -23.11 22.04 -13.85
C VAL A 501 -22.62 23.40 -13.37
N CYS A 502 -22.90 23.77 -12.13
CA CYS A 502 -22.41 25.04 -11.59
C CYS A 502 -20.89 25.06 -11.39
N TYR A 503 -20.23 23.90 -11.40
CA TYR A 503 -18.78 23.90 -11.33
C TYR A 503 -18.14 24.64 -12.48
N GLY A 504 -18.84 24.82 -13.59
CA GLY A 504 -18.34 25.57 -14.71
C GLY A 504 -18.56 27.06 -14.65
N LEU A 505 -19.30 27.55 -13.66
CA LEU A 505 -19.58 28.97 -13.53
C LEU A 505 -18.45 29.74 -12.85
N VAL A 506 -17.36 29.07 -12.47
CA VAL A 506 -16.26 29.73 -11.78
C VAL A 506 -15.68 30.81 -12.68
N GLY A 507 -15.49 32.00 -12.12
CA GLY A 507 -14.84 33.09 -12.82
C GLY A 507 -15.74 33.81 -13.81
N SER A 508 -16.99 33.36 -13.92
CA SER A 508 -17.94 34.00 -14.81
C SER A 508 -18.59 35.20 -14.12
N LYS A 509 -19.24 36.04 -14.93
CA LYS A 509 -20.01 37.15 -14.39
C LYS A 509 -21.21 36.69 -13.58
N TYR A 510 -21.57 35.41 -13.70
CA TYR A 510 -22.76 34.87 -12.99
C TYR A 510 -22.32 33.97 -11.83
N GLU A 511 -21.07 34.12 -11.39
CA GLU A 511 -20.55 33.27 -10.31
C GLU A 511 -21.28 33.52 -9.00
N ASN A 512 -21.45 34.79 -8.62
CA ASN A 512 -22.07 35.17 -7.37
C ASN A 512 -23.38 35.91 -7.70
N VAL A 513 -24.45 35.13 -7.88
CA VAL A 513 -25.77 35.66 -8.15
C VAL A 513 -26.77 34.93 -7.26
N THR A 514 -28.02 35.41 -7.32
CA THR A 514 -29.11 34.77 -6.55
C THR A 514 -29.26 33.33 -7.02
N GLU A 515 -29.58 32.42 -6.10
CA GLU A 515 -29.67 31.00 -6.42
C GLU A 515 -30.75 30.70 -7.45
N LYS A 516 -31.80 31.53 -7.52
CA LYS A 516 -32.84 31.30 -8.53
C LYS A 516 -32.32 31.57 -9.93
N VAL A 517 -31.51 32.62 -10.09
CA VAL A 517 -30.87 32.88 -11.38
C VAL A 517 -29.94 31.72 -11.75
N LYS A 518 -29.22 31.18 -10.76
CA LYS A 518 -28.36 30.03 -11.02
C LYS A 518 -29.18 28.82 -11.47
N ARG A 519 -30.33 28.59 -10.82
CA ARG A 519 -31.17 27.46 -11.21
C ARG A 519 -31.68 27.63 -12.63
N GLU A 520 -32.10 28.85 -12.99
CA GLU A 520 -32.55 29.10 -14.35
C GLU A 520 -31.42 28.93 -15.35
N LEU A 521 -30.21 29.38 -15.01
CA LEU A 521 -29.06 29.21 -15.87
C LEU A 521 -28.75 27.74 -16.09
N VAL A 522 -28.80 26.93 -15.03
CA VAL A 522 -28.52 25.50 -15.16
C VAL A 522 -29.59 24.84 -16.01
N GLU A 523 -30.85 25.23 -15.83
CA GLU A 523 -31.92 24.67 -16.65
C GLU A 523 -31.69 24.99 -18.12
N LYS A 524 -31.35 26.24 -18.42
CA LYS A 524 -31.10 26.64 -19.81
C LYS A 524 -29.92 25.89 -20.40
N ALA A 525 -28.83 25.76 -19.62
CA ALA A 525 -27.64 25.10 -20.12
C ALA A 525 -27.89 23.60 -20.34
N CYS A 526 -28.70 22.99 -19.48
CA CYS A 526 -29.02 21.58 -19.66
C CYS A 526 -29.96 21.38 -20.84
N LYS A 527 -30.84 22.35 -21.11
CA LYS A 527 -31.67 22.28 -22.31
C LYS A 527 -30.82 22.41 -23.57
N ASP A 528 -29.87 23.34 -23.57
CA ASP A 528 -29.03 23.55 -24.75
C ASP A 528 -28.06 22.41 -24.98
N ALA A 529 -27.83 21.56 -23.98
CA ALA A 529 -26.94 20.42 -24.11
C ALA A 529 -27.70 19.12 -24.33
N ASN A 530 -29.00 19.19 -24.61
CA ASN A 530 -29.83 18.01 -24.80
C ASN A 530 -29.79 17.10 -23.58
N ALA A 531 -29.71 17.71 -22.39
CA ALA A 531 -29.65 16.98 -21.15
C ALA A 531 -30.91 17.09 -20.32
N TRP A 532 -31.81 18.03 -20.62
CA TRP A 532 -33.04 18.16 -19.86
C TRP A 532 -33.94 16.95 -20.04
N GLU A 533 -33.83 16.27 -21.20
CA GLU A 533 -34.73 15.17 -21.51
C GLU A 533 -34.60 14.04 -20.49
N PHE A 534 -33.38 13.56 -20.25
CA PHE A 534 -33.18 12.51 -19.28
C PHE A 534 -33.09 13.03 -17.85
N ILE A 535 -32.89 14.32 -17.66
CA ILE A 535 -32.92 14.90 -16.33
C ILE A 535 -34.34 14.92 -15.77
N SER A 536 -35.31 15.28 -16.62
CA SER A 536 -36.70 15.30 -16.18
C SER A 536 -37.19 13.92 -15.79
N GLN A 537 -36.66 12.87 -16.45
CA GLN A 537 -37.11 11.51 -16.16
C GLN A 537 -36.75 11.10 -14.73
N MET A 538 -35.57 11.49 -14.26
CA MET A 538 -35.13 11.10 -12.92
C MET A 538 -36.01 11.74 -11.85
N SER A 539 -36.07 11.08 -10.70
CA SER A 539 -37.02 11.47 -9.65
C SER A 539 -36.75 12.87 -9.13
N ASN A 540 -35.58 13.07 -8.52
CA ASN A 540 -35.27 14.37 -7.91
C ASN A 540 -35.13 15.46 -8.96
N GLY A 541 -34.57 15.13 -10.12
CA GLY A 541 -34.38 16.11 -11.18
C GLY A 541 -32.97 16.68 -11.16
N LEU A 542 -32.88 18.01 -11.10
CA LEU A 542 -31.59 18.68 -11.08
C LEU A 542 -30.82 18.47 -9.78
N ASP A 543 -31.47 17.89 -8.77
CA ASP A 543 -30.82 17.72 -7.44
C ASP A 543 -30.32 16.29 -7.25
N THR A 544 -30.51 15.42 -8.25
CA THR A 544 -30.13 14.00 -8.07
C THR A 544 -28.60 13.95 -7.97
N GLU A 545 -28.09 13.04 -7.14
CA GLU A 545 -26.61 13.02 -6.91
C GLU A 545 -25.94 12.10 -7.92
N VAL A 546 -25.24 12.67 -8.91
CA VAL A 546 -24.43 11.81 -9.84
C VAL A 546 -23.07 11.59 -9.20
N GLY A 547 -22.71 10.32 -8.95
CA GLY A 547 -21.39 10.00 -8.38
C GLY A 547 -21.36 8.58 -7.84
N GLU A 548 -20.37 8.26 -7.00
CA GLU A 548 -20.33 6.91 -6.36
C GLU A 548 -21.68 6.71 -5.68
N ARG A 549 -21.98 7.52 -4.65
CA ARG A 549 -23.32 7.45 -4.01
C ARG A 549 -24.31 8.13 -4.97
N GLY A 550 -25.51 7.58 -5.11
CA GLY A 550 -26.49 8.11 -6.08
C GLY A 550 -26.42 7.35 -7.39
N LEU A 551 -27.11 7.83 -8.43
CA LEU A 551 -27.15 7.09 -9.72
C LEU A 551 -25.82 7.22 -10.50
N SER A 552 -25.49 6.17 -11.26
CA SER A 552 -24.27 6.23 -12.11
C SER A 552 -24.77 6.33 -13.55
N LEU A 553 -24.28 7.30 -14.33
CA LEU A 553 -24.86 7.51 -15.68
C LEU A 553 -23.98 6.92 -16.79
N SER A 554 -24.58 6.64 -17.96
CA SER A 554 -23.81 6.15 -19.13
C SER A 554 -23.00 7.31 -19.73
N GLY A 555 -21.95 6.99 -20.48
CA GLY A 555 -21.14 8.03 -21.13
C GLY A 555 -21.99 9.10 -21.80
N GLY A 556 -23.07 8.70 -22.48
CA GLY A 556 -23.91 9.67 -23.20
C GLY A 556 -24.45 10.73 -22.26
N GLN A 557 -24.94 10.32 -21.09
CA GLN A 557 -25.45 11.26 -20.10
C GLN A 557 -24.32 12.05 -19.45
N LYS A 558 -23.24 11.37 -19.09
CA LYS A 558 -22.10 12.06 -18.48
C LYS A 558 -21.50 13.08 -19.44
N GLN A 559 -21.37 12.70 -20.72
CA GLN A 559 -20.81 13.63 -21.70
C GLN A 559 -21.74 14.81 -21.92
N ARG A 560 -23.05 14.60 -21.90
CA ARG A 560 -23.97 15.72 -22.07
C ARG A 560 -23.96 16.64 -20.85
N ILE A 561 -23.79 16.09 -19.66
CA ILE A 561 -23.65 16.94 -18.47
C ILE A 561 -22.35 17.73 -18.54
N ALA A 562 -21.28 17.12 -19.03
CA ALA A 562 -20.03 17.85 -19.23
C ALA A 562 -20.20 18.96 -20.25
N ILE A 563 -20.94 18.70 -21.32
CA ILE A 563 -21.21 19.74 -22.31
C ILE A 563 -22.00 20.88 -21.70
N ALA A 564 -22.99 20.56 -20.86
CA ALA A 564 -23.75 21.61 -20.18
C ALA A 564 -22.85 22.43 -19.26
N ARG A 565 -21.96 21.75 -18.53
CA ARG A 565 -21.03 22.46 -17.65
C ARG A 565 -20.09 23.36 -18.44
N ALA A 566 -19.72 22.93 -19.64
CA ALA A 566 -18.89 23.78 -20.50
C ALA A 566 -19.67 24.99 -21.01
N VAL A 567 -20.91 24.78 -21.47
CA VAL A 567 -21.65 25.86 -22.11
C VAL A 567 -22.13 26.89 -21.10
N ILE A 568 -22.43 26.48 -19.87
CA ILE A 568 -23.07 27.40 -18.92
C ILE A 568 -22.18 28.62 -18.67
N SER A 569 -20.87 28.45 -18.77
CA SER A 569 -19.96 29.57 -18.56
C SER A 569 -19.92 30.54 -19.72
N GLU A 570 -20.51 30.19 -20.87
CA GLU A 570 -20.44 30.97 -22.09
C GLU A 570 -18.99 31.23 -22.48
N PRO A 571 -18.25 30.19 -22.89
CA PRO A 571 -16.84 30.37 -23.19
C PRO A 571 -16.63 31.15 -24.48
N LYS A 572 -15.42 31.69 -24.61
CA LYS A 572 -15.01 32.35 -25.85
C LYS A 572 -14.28 31.41 -26.79
N ILE A 573 -13.58 30.42 -26.25
CA ILE A 573 -12.88 29.40 -27.02
C ILE A 573 -13.37 28.04 -26.55
N LEU A 574 -13.75 27.19 -27.49
CA LEU A 574 -14.22 25.84 -27.18
C LEU A 574 -13.22 24.83 -27.70
N LEU A 575 -12.79 23.92 -26.83
CA LEU A 575 -11.80 22.91 -27.18
C LEU A 575 -12.45 21.54 -27.02
N LEU A 576 -12.81 20.94 -28.15
CA LEU A 576 -13.50 19.64 -28.18
C LEU A 576 -12.47 18.57 -28.51
N ASP A 577 -11.98 17.87 -27.48
CA ASP A 577 -10.95 16.85 -27.67
C ASP A 577 -11.59 15.47 -27.68
N GLU A 578 -12.14 15.12 -28.85
CA GLU A 578 -12.79 13.82 -29.08
C GLU A 578 -13.93 13.59 -28.10
N ALA A 579 -14.91 14.49 -28.09
CA ALA A 579 -15.99 14.41 -27.12
C ALA A 579 -16.92 13.24 -27.37
N THR A 580 -16.81 12.57 -28.53
CA THR A 580 -17.69 11.45 -28.86
C THR A 580 -16.87 10.21 -29.23
N SER A 581 -15.64 10.13 -28.76
CA SER A 581 -14.76 9.03 -29.15
C SER A 581 -15.25 7.69 -28.61
N ALA A 582 -15.53 7.62 -27.31
CA ALA A 582 -15.92 6.37 -26.67
C ALA A 582 -17.41 6.15 -26.63
N LEU A 583 -18.19 7.04 -27.25
CA LEU A 583 -19.64 6.95 -27.16
C LEU A 583 -20.19 5.83 -28.02
N ASP A 584 -21.35 5.29 -27.62
CA ASP A 584 -22.03 4.27 -28.48
C ASP A 584 -22.54 4.99 -29.72
N THR A 585 -22.72 4.27 -30.83
CA THR A 585 -23.11 4.93 -32.10
C THR A 585 -24.47 5.64 -31.93
N ARG A 586 -25.44 4.98 -31.27
CA ARG A 586 -26.78 5.57 -31.11
C ARG A 586 -26.71 6.85 -30.27
N SER A 587 -25.96 6.81 -29.16
CA SER A 587 -25.82 7.99 -28.27
C SER A 587 -25.12 9.13 -29.00
N GLU A 588 -24.10 8.81 -29.81
CA GLU A 588 -23.30 9.86 -30.49
C GLU A 588 -24.20 10.89 -31.19
N GLY A 589 -25.33 10.45 -31.75
CA GLY A 589 -26.23 11.38 -32.45
C GLY A 589 -26.66 12.54 -31.58
N ILE A 590 -27.27 12.28 -30.43
CA ILE A 590 -27.83 13.38 -29.59
C ILE A 590 -26.71 14.32 -29.11
N VAL A 591 -25.61 13.75 -28.60
CA VAL A 591 -24.46 14.54 -28.08
C VAL A 591 -23.83 15.35 -29.21
N GLN A 592 -23.58 14.73 -30.37
CA GLN A 592 -22.97 15.44 -31.51
C GLN A 592 -23.86 16.63 -31.88
N ASP A 593 -25.18 16.40 -31.97
CA ASP A 593 -26.08 17.52 -32.20
C ASP A 593 -25.86 18.63 -31.18
N ALA A 594 -25.72 18.25 -29.91
CA ALA A 594 -25.45 19.25 -28.87
C ALA A 594 -24.14 19.98 -29.14
N LEU A 595 -23.10 19.23 -29.50
CA LEU A 595 -21.80 19.83 -29.76
C LEU A 595 -21.85 20.77 -30.96
N ASN A 596 -22.56 20.39 -32.03
CA ASN A 596 -22.67 21.26 -33.19
C ASN A 596 -23.40 22.54 -32.84
N ARG A 597 -24.53 22.44 -32.13
CA ARG A 597 -25.25 23.64 -31.72
C ARG A 597 -24.38 24.53 -30.84
N LEU A 598 -23.57 23.91 -29.97
CA LEU A 598 -22.65 24.68 -29.14
C LEU A 598 -21.59 25.39 -29.97
N SER A 599 -21.03 24.71 -30.95
CA SER A 599 -19.84 25.21 -31.65
C SER A 599 -20.16 26.03 -32.90
N GLU A 600 -21.44 26.19 -33.27
CA GLU A 600 -21.74 27.04 -34.42
C GLU A 600 -21.34 28.50 -34.22
N THR A 601 -21.22 28.96 -32.98
CA THR A 601 -21.10 30.40 -32.72
C THR A 601 -19.84 30.78 -31.95
N ARG A 602 -18.94 29.85 -31.67
CA ARG A 602 -17.73 30.15 -30.91
C ARG A 602 -16.50 29.68 -31.64
N THR A 603 -15.37 30.34 -31.36
CA THR A 603 -14.08 29.84 -31.79
C THR A 603 -13.86 28.45 -31.21
N THR A 604 -13.74 27.46 -32.09
CA THR A 604 -13.72 26.07 -31.67
C THR A 604 -12.54 25.36 -32.31
N ILE A 605 -11.96 24.42 -31.57
CA ILE A 605 -10.87 23.59 -32.07
C ILE A 605 -11.31 22.14 -31.86
N VAL A 606 -11.83 21.52 -32.91
CA VAL A 606 -12.41 20.19 -32.84
C VAL A 606 -11.35 19.16 -33.19
N ILE A 607 -11.13 18.21 -32.30
CA ILE A 607 -10.34 17.02 -32.58
C ILE A 607 -11.34 15.88 -32.67
N ALA A 608 -11.66 15.46 -33.88
CA ALA A 608 -12.73 14.50 -34.12
C ALA A 608 -12.13 13.13 -34.43
N HIS A 609 -12.64 12.11 -33.72
CA HIS A 609 -12.24 10.74 -34.04
C HIS A 609 -12.92 10.23 -35.30
N ARG A 610 -14.11 10.75 -35.60
CA ARG A 610 -14.85 10.39 -36.81
C ARG A 610 -14.84 11.60 -37.74
N LEU A 611 -14.18 11.47 -38.89
CA LEU A 611 -13.97 12.61 -39.78
C LEU A 611 -15.25 13.08 -40.48
N SER A 612 -16.34 12.32 -40.38
CA SER A 612 -17.58 12.75 -41.01
C SER A 612 -18.20 13.95 -40.29
N THR A 613 -17.85 14.15 -39.02
CA THR A 613 -18.45 15.21 -38.24
C THR A 613 -17.90 16.59 -38.59
N ILE A 614 -16.68 16.66 -39.10
CA ILE A 614 -16.00 17.92 -39.32
C ILE A 614 -15.93 18.27 -40.81
N GLN A 615 -16.86 17.77 -41.62
CA GLN A 615 -16.88 18.13 -43.03
C GLN A 615 -17.18 19.62 -43.21
N ASN A 616 -18.08 20.17 -42.39
CA ASN A 616 -18.48 21.56 -42.48
C ASN A 616 -17.66 22.48 -41.58
N ALA A 617 -16.44 22.09 -41.23
CA ALA A 617 -15.56 22.95 -40.46
C ALA A 617 -15.00 24.06 -41.35
N ASP A 618 -14.82 25.24 -40.75
CA ASP A 618 -14.35 26.39 -41.50
C ASP A 618 -12.92 26.22 -42.00
N LEU A 619 -12.15 25.34 -41.33
CA LEU A 619 -10.73 25.12 -41.69
C LEU A 619 -10.29 23.77 -41.12
N ILE A 620 -9.55 22.97 -41.89
CA ILE A 620 -9.05 21.69 -41.43
C ILE A 620 -7.53 21.72 -41.55
N VAL A 621 -6.85 21.25 -40.50
CA VAL A 621 -5.40 21.18 -40.44
C VAL A 621 -5.00 19.72 -40.25
N VAL A 622 -4.08 19.23 -41.07
CA VAL A 622 -3.62 17.85 -41.00
C VAL A 622 -2.22 17.86 -40.37
N LEU A 623 -2.06 17.09 -39.30
CA LEU A 623 -0.81 16.98 -38.57
C LEU A 623 -0.21 15.60 -38.79
N SER A 624 1.09 15.56 -39.07
CA SER A 624 1.84 14.31 -39.21
C SER A 624 3.16 14.47 -38.46
N LYS A 625 3.29 13.80 -37.32
CA LYS A 625 4.49 13.87 -36.49
C LYS A 625 4.80 15.30 -36.08
N GLY A 626 3.76 16.06 -35.75
CA GLY A 626 3.93 17.40 -35.23
C GLY A 626 4.10 18.50 -36.26
N LYS A 627 4.00 18.18 -37.55
CA LYS A 627 4.16 19.16 -38.60
C LYS A 627 2.87 19.30 -39.40
N ILE A 628 2.52 20.54 -39.73
CA ILE A 628 1.33 20.81 -40.53
C ILE A 628 1.63 20.52 -41.99
N VAL A 629 0.95 19.52 -42.57
CA VAL A 629 1.21 19.17 -43.96
C VAL A 629 0.26 19.90 -44.89
N GLU A 630 -0.99 20.09 -44.48
CA GLU A 630 -1.95 20.78 -45.34
C GLU A 630 -3.06 21.38 -44.49
N THR A 631 -3.62 22.48 -45.01
CA THR A 631 -4.72 23.18 -44.29
C THR A 631 -5.69 23.74 -45.34
N GLY A 632 -7.00 23.74 -45.05
CA GLY A 632 -8.00 24.26 -45.96
C GLY A 632 -9.39 23.70 -45.78
N SER A 633 -10.26 23.88 -46.77
CA SER A 633 -11.62 23.37 -46.68
C SER A 633 -11.64 21.87 -46.97
N HIS A 634 -12.81 21.25 -46.76
CA HIS A 634 -12.95 19.82 -47.01
C HIS A 634 -12.73 19.51 -48.48
N LYS A 635 -13.40 20.25 -49.36
CA LYS A 635 -13.29 20.00 -50.82
C LYS A 635 -11.86 20.28 -51.29
N GLU A 636 -11.21 21.30 -50.72
CA GLU A 636 -9.82 21.67 -51.15
C GLU A 636 -8.87 20.50 -50.88
N LEU A 637 -8.84 19.99 -49.65
CA LEU A 637 -7.87 18.93 -49.29
C LEU A 637 -8.13 17.66 -50.13
N LEU A 638 -9.40 17.32 -50.36
CA LEU A 638 -9.73 16.08 -51.11
C LEU A 638 -9.20 16.18 -52.54
N LYS A 639 -9.36 17.34 -53.18
CA LYS A 639 -8.87 17.52 -54.59
C LYS A 639 -7.35 17.39 -54.62
N LYS A 640 -6.67 17.80 -53.53
CA LYS A 640 -5.19 17.72 -53.46
C LYS A 640 -4.78 16.25 -53.28
N LYS A 641 -5.71 15.40 -52.86
CA LYS A 641 -5.44 13.93 -52.72
C LYS A 641 -4.22 13.70 -51.81
N GLY A 642 -4.15 14.42 -50.68
CA GLY A 642 -3.01 14.27 -49.75
C GLY A 642 -3.33 13.33 -48.60
N LYS A 643 -2.82 13.64 -47.40
CA LYS A 643 -3.05 12.79 -46.23
C LYS A 643 -4.53 12.75 -45.85
N TYR A 644 -5.25 13.85 -46.06
CA TYR A 644 -6.67 13.86 -45.73
C TYR A 644 -7.45 12.87 -46.58
N HIS A 645 -7.07 12.76 -47.85
CA HIS A 645 -7.74 11.80 -48.77
C HIS A 645 -7.56 10.39 -48.22
N GLN A 646 -6.33 10.05 -47.80
CA GLN A 646 -6.06 8.72 -47.26
C GLN A 646 -6.83 8.49 -45.96
N LEU A 647 -6.88 9.50 -45.09
CA LEU A 647 -7.61 9.35 -43.84
C LEU A 647 -9.10 9.13 -44.09
N VAL A 648 -9.66 9.89 -45.04
CA VAL A 648 -11.10 9.73 -45.40
C VAL A 648 -11.32 8.30 -45.92
N GLN A 649 -10.44 7.84 -46.83
CA GLN A 649 -10.60 6.50 -47.39
C GLN A 649 -10.54 5.43 -46.32
N ILE A 650 -9.60 5.55 -45.39
CA ILE A 650 -9.49 4.58 -44.30
C ILE A 650 -10.73 4.61 -43.43
N GLN A 651 -11.23 5.81 -43.12
CA GLN A 651 -12.44 5.92 -42.31
C GLN A 651 -13.63 5.27 -43.00
N ASN A 652 -13.77 5.50 -44.31
CA ASN A 652 -14.87 4.89 -45.05
C ASN A 652 -14.75 3.37 -45.05
N ILE A 653 -13.54 2.85 -45.23
CA ILE A 653 -13.36 1.40 -45.25
C ILE A 653 -13.68 0.80 -43.89
N ARG A 654 -13.22 1.45 -42.81
CA ARG A 654 -13.53 0.95 -41.47
C ARG A 654 -15.03 0.98 -41.20
N THR A 655 -15.70 2.05 -41.62
CA THR A 655 -17.15 2.12 -41.46
C THR A 655 -17.84 1.01 -42.23
N LYS A 656 -17.37 0.73 -43.45
CA LYS A 656 -17.96 -0.33 -44.26
C LYS A 656 -17.79 -1.69 -43.60
N ILE A 657 -16.60 -1.98 -43.09
CA ILE A 657 -16.37 -3.28 -42.46
C ILE A 657 -17.13 -3.39 -41.15
N ASN A 658 -17.36 -2.27 -40.46
CA ASN A 658 -18.08 -2.29 -39.19
C ASN A 658 -19.57 -2.05 -39.35
N LEU A 710 -9.64 -19.35 15.06
CA LEU A 710 -8.66 -18.80 14.15
C LEU A 710 -7.25 -19.29 14.49
N PHE A 711 -6.85 -19.10 15.75
CA PHE A 711 -5.54 -19.57 16.19
C PHE A 711 -5.41 -21.07 16.02
N LEU A 712 -6.44 -21.83 16.38
CA LEU A 712 -6.38 -23.28 16.23
C LEU A 712 -6.24 -23.68 14.77
N MET A 713 -6.84 -22.92 13.86
CA MET A 713 -6.74 -23.24 12.44
C MET A 713 -5.29 -23.15 11.96
N LEU A 714 -4.64 -22.02 12.22
CA LEU A 714 -3.26 -21.86 11.78
C LEU A 714 -2.33 -22.81 12.53
N LEU A 715 -2.64 -23.12 13.79
CA LEU A 715 -1.85 -24.10 14.52
C LEU A 715 -1.97 -25.48 13.89
N GLN A 716 -3.19 -25.86 13.49
CA GLN A 716 -3.39 -27.13 12.80
C GLN A 716 -2.65 -27.16 11.48
N ILE A 717 -2.62 -26.03 10.76
CA ILE A 717 -1.85 -25.95 9.53
C ILE A 717 -0.38 -26.18 9.82
N ASN A 718 0.14 -25.54 10.87
CA ASN A 718 1.55 -25.65 11.25
C ASN A 718 1.70 -26.71 12.34
N LYS A 719 1.66 -27.97 11.92
CA LYS A 719 1.80 -29.08 12.85
C LYS A 719 3.21 -29.13 13.43
N GLY A 720 4.18 -28.53 12.75
CA GLY A 720 5.55 -28.53 13.20
C GLY A 720 5.71 -27.90 14.57
N ASP A 721 4.92 -26.86 14.84
CA ASP A 721 4.97 -26.22 16.15
C ASP A 721 4.66 -27.18 17.29
N TYR A 722 4.17 -28.39 17.00
CA TYR A 722 3.95 -29.36 18.06
C TYR A 722 5.25 -29.81 18.71
N TYR A 723 6.38 -29.71 17.99
CA TYR A 723 7.64 -29.97 18.66
C TYR A 723 8.25 -28.70 19.25
N LEU A 724 7.62 -27.55 19.07
CA LEU A 724 7.99 -26.32 19.75
C LEU A 724 6.98 -25.93 20.81
N LEU A 725 6.03 -26.83 21.12
CA LEU A 725 5.07 -26.61 22.20
C LEU A 725 5.13 -27.68 23.28
N ILE A 726 5.97 -28.71 23.12
CA ILE A 726 6.22 -29.67 24.19
C ILE A 726 7.20 -29.08 25.19
N PRO A 727 8.30 -28.46 24.76
CA PRO A 727 9.17 -27.82 25.76
C PRO A 727 8.58 -26.54 26.33
N CYS A 728 7.85 -25.77 25.53
CA CYS A 728 7.32 -24.49 26.00
C CYS A 728 6.31 -24.63 27.12
N LEU A 729 5.75 -25.82 27.33
CA LEU A 729 4.93 -26.08 28.50
C LEU A 729 5.72 -26.74 29.62
N PHE A 730 7.04 -26.88 29.44
CA PHE A 730 7.94 -27.32 30.48
C PHE A 730 8.85 -26.20 30.97
N LEU A 731 9.22 -25.26 30.11
CA LEU A 731 9.92 -24.06 30.55
C LEU A 731 8.99 -23.13 31.32
N ALA A 732 7.71 -23.13 30.95
CA ALA A 732 6.73 -22.35 31.69
C ALA A 732 6.62 -22.81 33.14
N LEU A 733 6.66 -24.13 33.33
CA LEU A 733 6.59 -24.71 34.69
C LEU A 733 7.84 -24.30 35.48
N ILE A 734 8.99 -24.23 34.80
CA ILE A 734 10.22 -23.80 35.46
C ILE A 734 10.11 -22.35 35.87
N ALA A 735 9.55 -21.51 34.99
CA ALA A 735 9.32 -20.11 35.34
C ALA A 735 8.35 -20.00 36.51
N GLY A 736 7.38 -20.90 36.59
CA GLY A 736 6.44 -20.90 37.70
C GLY A 736 7.04 -21.36 39.01
N MET A 737 8.21 -21.98 38.99
CA MET A 737 8.91 -22.37 40.21
C MET A 737 10.18 -21.57 40.44
N GLY A 738 10.46 -20.59 39.57
CA GLY A 738 11.66 -19.79 39.71
C GLY A 738 11.39 -18.39 40.19
N PHE A 739 10.24 -17.83 39.81
CA PHE A 739 9.87 -16.49 40.25
C PHE A 739 9.32 -16.51 41.67
N PRO A 740 8.48 -17.48 42.07
CA PRO A 740 8.14 -17.58 43.50
C PRO A 740 9.35 -17.77 44.39
N SER A 741 10.32 -18.58 43.93
CA SER A 741 11.56 -18.79 44.71
C SER A 741 12.32 -17.46 44.80
N PHE A 742 12.37 -16.70 43.69
CA PHE A 742 13.03 -15.42 43.69
C PHE A 742 12.37 -14.46 44.68
N ALA A 743 11.04 -14.45 44.73
CA ALA A 743 10.34 -13.61 45.68
C ALA A 743 10.62 -14.02 47.11
N LEU A 744 10.66 -15.33 47.37
CA LEU A 744 11.00 -15.80 48.71
C LEU A 744 12.40 -15.35 49.11
N LEU A 745 13.37 -15.49 48.20
CA LEU A 745 14.73 -15.07 48.52
C LEU A 745 14.81 -13.57 48.74
N ALA A 746 14.10 -12.78 47.94
CA ALA A 746 14.09 -11.34 48.14
C ALA A 746 13.50 -10.98 49.49
N GLY A 747 12.42 -11.66 49.89
CA GLY A 747 11.86 -11.42 51.21
C GLY A 747 12.83 -11.75 52.32
N ARG A 748 13.58 -12.84 52.16
CA ARG A 748 14.58 -13.24 53.18
C ARG A 748 15.70 -12.19 53.27
N VAL A 749 16.17 -11.68 52.13
CA VAL A 749 17.29 -10.69 52.12
C VAL A 749 16.83 -9.42 52.85
N ILE A 750 15.61 -8.95 52.56
CA ILE A 750 15.09 -7.70 53.20
C ILE A 750 14.95 -7.93 54.71
N GLU A 751 14.49 -9.12 55.12
CA GLU A 751 14.37 -9.45 56.56
C GLU A 751 15.76 -9.43 57.21
N ALA A 752 16.77 -9.93 56.50
CA ALA A 752 18.14 -9.99 57.06
C ALA A 752 18.63 -8.59 57.45
N PHE A 753 18.07 -7.53 56.86
CA PHE A 753 18.54 -6.19 57.16
C PHE A 753 17.98 -5.66 58.47
N GLN A 754 17.22 -6.46 59.21
CA GLN A 754 16.66 -6.06 60.50
C GLN A 754 17.75 -6.11 61.56
N VAL A 755 18.60 -5.08 61.54
CA VAL A 755 19.72 -4.95 62.47
C VAL A 755 19.43 -3.79 63.42
N THR A 756 19.55 -4.05 64.72
CA THR A 756 19.33 -3.00 65.71
C THR A 756 20.52 -2.06 65.80
N GLY A 757 21.73 -2.60 65.62
CA GLY A 757 22.93 -1.80 65.73
C GLY A 757 24.11 -2.45 65.05
N PRO A 758 25.29 -1.84 65.19
CA PRO A 758 26.50 -2.40 64.54
C PRO A 758 26.89 -3.78 65.03
N GLN A 759 26.36 -4.23 66.18
CA GLN A 759 26.71 -5.56 66.67
C GLN A 759 26.10 -6.67 65.84
N ASP A 760 25.04 -6.38 65.08
CA ASP A 760 24.38 -7.37 64.24
C ASP A 760 24.89 -7.35 62.80
N PHE A 761 25.82 -6.45 62.48
CA PHE A 761 26.32 -6.36 61.11
C PHE A 761 27.00 -7.64 60.63
N PRO A 762 27.87 -8.31 61.40
CA PRO A 762 28.45 -9.57 60.90
C PRO A 762 27.41 -10.59 60.48
N HIS A 763 26.51 -10.97 61.39
CA HIS A 763 25.49 -11.97 61.07
C HIS A 763 24.73 -11.59 59.80
N MET A 764 24.20 -10.37 59.76
CA MET A 764 23.52 -9.88 58.56
C MET A 764 24.35 -10.18 57.32
N ARG A 765 25.62 -9.77 57.32
CA ARG A 765 26.47 -9.99 56.15
C ARG A 765 26.43 -11.44 55.73
N SER A 766 26.61 -12.37 56.67
CA SER A 766 26.58 -13.78 56.32
C SER A 766 25.29 -14.12 55.61
N LEU A 767 24.16 -13.77 56.21
CA LEU A 767 22.88 -14.01 55.55
C LEU A 767 22.85 -13.34 54.19
N ILE A 768 23.12 -12.04 54.16
CA ILE A 768 23.15 -11.33 52.84
C ILE A 768 23.94 -12.19 51.86
N ASN A 769 25.15 -12.62 52.23
CA ASN A 769 25.95 -13.37 51.27
C ASN A 769 25.19 -14.59 50.77
N LYS A 770 24.68 -15.40 51.70
CA LYS A 770 24.16 -16.71 51.32
C LYS A 770 22.99 -16.58 50.37
N TYR A 771 21.99 -15.78 50.74
CA TYR A 771 20.86 -15.56 49.85
C TYR A 771 21.29 -14.91 48.55
N THR A 772 22.25 -13.98 48.58
CA THR A 772 22.70 -13.37 47.34
C THR A 772 23.35 -14.38 46.41
N GLY A 773 23.90 -15.47 46.95
CA GLY A 773 24.30 -16.57 46.09
C GLY A 773 23.11 -17.20 45.41
N PHE A 774 22.08 -17.55 46.19
CA PHE A 774 20.90 -18.20 45.62
C PHE A 774 20.19 -17.28 44.64
N LEU A 775 20.07 -15.99 44.99
CA LEU A 775 19.47 -15.03 44.09
C LEU A 775 20.20 -14.95 42.76
N PHE A 776 21.46 -15.38 42.71
CA PHE A 776 22.14 -15.51 41.44
C PHE A 776 21.87 -16.87 40.81
N MET A 777 21.95 -17.94 41.59
CA MET A 777 21.79 -19.28 41.04
C MET A 777 20.39 -19.51 40.51
N ILE A 778 19.39 -18.87 41.12
CA ILE A 778 18.02 -18.90 40.59
C ILE A 778 17.82 -17.84 39.53
N GLY A 779 18.60 -16.76 39.55
CA GLY A 779 18.55 -15.81 38.46
C GLY A 779 19.09 -16.34 37.15
N CYS A 780 20.14 -17.16 37.19
CA CYS A 780 20.70 -17.74 35.98
C CYS A 780 19.76 -18.77 35.37
N VAL A 781 19.13 -19.60 36.20
CA VAL A 781 18.23 -20.63 35.69
C VAL A 781 17.12 -20.01 34.85
N LEU A 782 16.44 -19.01 35.40
CA LEU A 782 15.44 -18.28 34.63
C LEU A 782 16.04 -17.71 33.35
N LEU A 783 17.25 -17.19 33.43
CA LEU A 783 17.95 -16.74 32.22
C LEU A 783 17.95 -17.83 31.17
N ILE A 784 18.36 -19.04 31.54
CA ILE A 784 18.39 -20.14 30.60
C ILE A 784 17.01 -20.34 29.98
N VAL A 785 15.97 -20.31 30.81
CA VAL A 785 14.61 -20.47 30.31
C VAL A 785 14.34 -19.43 29.23
N TYR A 786 14.62 -18.16 29.52
CA TYR A 786 14.43 -17.08 28.51
C TYR A 786 15.25 -17.36 27.25
N LEU A 787 16.50 -17.83 27.39
CA LEU A 787 17.34 -18.09 26.24
C LEU A 787 16.71 -19.15 25.35
N PHE A 788 15.94 -20.06 25.94
CA PHE A 788 15.23 -21.03 25.12
C PHE A 788 13.84 -20.50 24.75
N LEU A 789 13.09 -20.03 25.75
CA LEU A 789 11.67 -19.79 25.53
C LEU A 789 11.44 -18.79 24.41
N THR A 790 11.97 -17.57 24.56
CA THR A 790 11.86 -16.57 23.51
C THR A 790 12.29 -17.14 22.17
N SER A 791 13.43 -17.85 22.15
CA SER A 791 13.90 -18.41 20.89
C SER A 791 12.82 -19.25 20.23
N PHE A 792 12.25 -20.20 20.98
CA PHE A 792 11.21 -21.05 20.41
C PHE A 792 10.08 -20.20 19.87
N MET A 793 9.62 -19.22 20.65
CA MET A 793 8.59 -18.31 20.17
C MET A 793 8.92 -17.82 18.76
N VAL A 794 10.06 -17.17 18.61
CA VAL A 794 10.38 -16.58 17.32
C VAL A 794 10.43 -17.67 16.26
N LEU A 795 11.09 -18.79 16.56
CA LEU A 795 11.15 -19.88 15.60
C LEU A 795 9.75 -20.27 15.15
N SER A 796 8.85 -20.50 16.11
CA SER A 796 7.50 -20.86 15.76
C SER A 796 6.91 -19.84 14.81
N SER A 797 6.99 -18.56 15.18
CA SER A 797 6.45 -17.52 14.32
C SER A 797 7.01 -17.63 12.92
N GLU A 798 8.34 -17.73 12.81
CA GLU A 798 8.96 -17.80 11.50
C GLU A 798 8.35 -18.94 10.69
N SER A 799 8.28 -20.13 11.30
CA SER A 799 7.73 -21.28 10.58
C SER A 799 6.35 -20.94 10.04
N LEU A 800 5.47 -20.43 10.91
CA LEU A 800 4.12 -20.11 10.47
C LEU A 800 4.15 -19.17 9.27
N VAL A 801 4.93 -18.10 9.37
CA VAL A 801 5.00 -17.13 8.29
C VAL A 801 5.37 -17.84 6.99
N TYR A 802 6.41 -18.67 7.04
CA TYR A 802 6.85 -19.35 5.84
C TYR A 802 5.70 -20.12 5.22
N LYS A 803 4.99 -20.92 6.02
CA LYS A 803 3.87 -21.66 5.46
C LYS A 803 2.81 -20.73 4.93
N MET A 804 2.47 -19.69 5.71
CA MET A 804 1.42 -18.77 5.27
C MET A 804 1.84 -18.04 4.01
N ARG A 805 3.14 -18.03 3.71
CA ARG A 805 3.57 -17.59 2.39
C ARG A 805 3.37 -18.69 1.38
N TYR A 806 4.05 -19.82 1.59
CA TYR A 806 4.07 -20.90 0.60
C TYR A 806 2.67 -21.26 0.15
N ARG A 807 1.85 -21.76 1.08
CA ARG A 807 0.50 -22.18 0.74
C ARG A 807 -0.25 -21.08 0.00
N CYS A 808 -0.15 -19.84 0.48
CA CYS A 808 -0.90 -18.76 -0.14
C CYS A 808 -0.52 -18.61 -1.60
N PHE A 809 0.78 -18.61 -1.90
CA PHE A 809 1.20 -18.53 -3.29
C PHE A 809 0.70 -19.75 -4.06
N LYS A 810 0.81 -20.93 -3.46
CA LYS A 810 0.33 -22.14 -4.11
C LYS A 810 -1.17 -22.10 -4.31
N GLN A 811 -1.88 -21.25 -3.57
CA GLN A 811 -3.32 -21.13 -3.73
C GLN A 811 -3.71 -20.02 -4.70
N TYR A 812 -2.76 -19.19 -5.11
CA TYR A 812 -3.07 -18.20 -6.14
C TYR A 812 -2.78 -18.76 -7.53
N LEU A 813 -1.73 -19.55 -7.66
CA LEU A 813 -1.42 -20.17 -8.95
C LEU A 813 -2.47 -21.18 -9.37
N ARG A 814 -3.23 -21.73 -8.43
CA ARG A 814 -4.26 -22.72 -8.74
C ARG A 814 -5.49 -22.10 -9.39
N GLN A 815 -5.79 -20.83 -9.09
CA GLN A 815 -7.02 -20.20 -9.55
C GLN A 815 -7.05 -20.08 -11.07
N ASP A 816 -8.25 -20.17 -11.62
CA ASP A 816 -8.46 -19.98 -13.05
C ASP A 816 -8.33 -18.51 -13.42
N MET A 817 -8.31 -18.23 -14.72
CA MET A 817 -8.06 -16.88 -15.20
C MET A 817 -9.19 -15.91 -14.84
N SER A 818 -10.40 -16.41 -14.64
CA SER A 818 -11.49 -15.53 -14.22
C SER A 818 -11.20 -14.91 -12.86
N PHE A 819 -10.48 -15.63 -12.00
CA PHE A 819 -10.08 -15.06 -10.72
C PHE A 819 -9.16 -13.87 -10.90
N PHE A 820 -8.23 -13.95 -11.85
CA PHE A 820 -7.29 -12.86 -12.12
C PHE A 820 -7.89 -11.75 -12.96
N ASP A 821 -9.04 -12.01 -13.58
CA ASP A 821 -9.72 -10.98 -14.42
C ASP A 821 -10.46 -9.99 -13.51
N ARG A 822 -10.80 -10.40 -12.28
CA ARG A 822 -11.58 -9.52 -11.37
C ARG A 822 -10.76 -8.26 -11.07
N PRO A 823 -11.40 -7.07 -10.95
CA PRO A 823 -10.67 -5.81 -10.74
C PRO A 823 -9.87 -5.82 -9.44
N GLU A 824 -10.42 -6.41 -8.39
CA GLU A 824 -9.74 -6.47 -7.07
C GLU A 824 -8.43 -7.26 -7.20
N ASN A 825 -8.42 -8.35 -7.97
CA ASN A 825 -7.22 -9.23 -8.03
C ASN A 825 -6.14 -8.69 -8.97
N LYS A 826 -5.73 -7.43 -8.79
CA LYS A 826 -4.63 -6.88 -9.57
C LYS A 826 -3.32 -7.54 -9.14
N VAL A 827 -2.31 -7.45 -10.01
CA VAL A 827 -1.00 -8.02 -9.67
C VAL A 827 -0.42 -7.34 -8.44
N GLY A 828 -0.46 -6.01 -8.42
CA GLY A 828 0.01 -5.28 -7.26
C GLY A 828 -0.76 -5.58 -5.99
N THR A 829 -2.09 -5.70 -6.08
CA THR A 829 -2.91 -6.03 -4.93
C THR A 829 -2.59 -7.41 -4.37
N LEU A 830 -2.47 -8.42 -5.24
CA LEU A 830 -2.13 -9.76 -4.78
C LEU A 830 -0.74 -9.81 -4.18
N VAL A 831 0.21 -9.10 -4.79
CA VAL A 831 1.56 -9.05 -4.25
C VAL A 831 1.56 -8.41 -2.87
N THR A 832 0.83 -7.31 -2.71
CA THR A 832 0.75 -6.65 -1.40
C THR A 832 0.07 -7.54 -0.37
N THR A 833 -0.95 -8.29 -0.77
CA THR A 833 -1.59 -9.22 0.15
C THR A 833 -0.62 -10.30 0.60
N LEU A 834 0.19 -10.82 -0.33
CA LEU A 834 1.20 -11.86 0.00
C LEU A 834 2.26 -11.26 0.93
N ALA A 835 2.61 -9.99 0.74
CA ALA A 835 3.56 -9.34 1.63
C ALA A 835 2.98 -9.16 3.03
N LYS A 836 1.74 -8.70 3.12
CA LYS A 836 1.18 -8.28 4.40
C LYS A 836 0.62 -9.45 5.21
N ASP A 837 -0.39 -10.13 4.68
CA ASP A 837 -1.18 -11.06 5.51
C ASP A 837 -0.35 -12.19 6.10
N PRO A 838 0.48 -12.91 5.34
CA PRO A 838 1.35 -13.92 5.99
C PRO A 838 2.27 -13.33 7.03
N GLN A 839 2.75 -12.10 6.82
CA GLN A 839 3.58 -11.45 7.83
C GLN A 839 2.77 -11.08 9.06
N ASP A 840 1.55 -10.56 8.87
CA ASP A 840 0.74 -10.09 9.97
C ASP A 840 0.10 -11.22 10.77
N ILE A 841 -0.01 -12.41 10.21
CA ILE A 841 -0.62 -13.52 10.93
C ILE A 841 0.36 -14.08 11.95
N GLU A 842 1.56 -13.50 12.02
CA GLU A 842 2.56 -13.94 12.98
C GLU A 842 2.22 -13.55 14.41
N GLY A 843 1.24 -12.66 14.60
CA GLY A 843 0.85 -12.23 15.92
C GLY A 843 -0.05 -13.19 16.67
N LEU A 844 -0.53 -14.23 16.01
CA LEU A 844 -1.33 -15.28 16.65
C LEU A 844 -0.68 -16.63 16.44
N SER A 845 0.64 -16.68 16.49
CA SER A 845 1.38 -17.91 16.28
C SER A 845 1.54 -18.65 17.60
N GLY A 846 2.38 -19.69 17.63
CA GLY A 846 2.65 -20.38 18.86
C GLY A 846 3.42 -19.56 19.87
N GLY A 847 4.13 -18.53 19.41
CA GLY A 847 4.82 -17.64 20.33
C GLY A 847 3.86 -16.91 21.24
N THR A 848 2.76 -16.41 20.69
CA THR A 848 1.76 -15.74 21.49
C THR A 848 1.14 -16.68 22.52
N ALA A 849 0.84 -17.92 22.12
CA ALA A 849 0.29 -18.89 23.06
C ALA A 849 1.28 -19.21 24.16
N ALA A 850 2.55 -19.39 23.82
CA ALA A 850 3.57 -19.68 24.83
C ALA A 850 3.75 -18.51 25.79
N GLN A 851 3.76 -17.27 25.28
CA GLN A 851 3.87 -16.11 26.16
C GLN A 851 2.67 -16.00 27.08
N LEU A 852 1.47 -16.21 26.55
CA LEU A 852 0.28 -16.18 27.39
C LEU A 852 0.34 -17.25 28.47
N ALA A 853 0.75 -18.46 28.11
CA ALA A 853 0.86 -19.53 29.10
C ALA A 853 1.88 -19.19 30.17
N VAL A 854 3.03 -18.65 29.77
CA VAL A 854 4.06 -18.29 30.74
C VAL A 854 3.57 -17.21 31.68
N SER A 855 2.93 -16.18 31.14
CA SER A 855 2.42 -15.10 31.98
C SER A 855 1.34 -15.59 32.94
N VAL A 856 0.44 -16.45 32.46
CA VAL A 856 -0.60 -16.99 33.34
C VAL A 856 0.02 -17.85 34.42
N VAL A 857 1.00 -18.67 34.08
CA VAL A 857 1.65 -19.52 35.08
C VAL A 857 2.34 -18.66 36.13
N ILE A 858 3.03 -17.59 35.70
CA ILE A 858 3.70 -16.74 36.68
C ILE A 858 2.71 -16.01 37.57
N VAL A 859 1.61 -15.50 37.01
CA VAL A 859 0.62 -14.82 37.83
C VAL A 859 -0.02 -15.78 38.83
N VAL A 860 -0.37 -16.98 38.37
CA VAL A 860 -0.99 -17.97 39.26
C VAL A 860 -0.01 -18.41 40.33
N ALA A 861 1.26 -18.62 39.97
CA ALA A 861 2.26 -19.01 40.96
C ALA A 861 2.47 -17.92 41.99
N GLY A 862 2.50 -16.66 41.56
CA GLY A 862 2.61 -15.57 42.51
C GLY A 862 1.43 -15.50 43.46
N ILE A 863 0.21 -15.67 42.93
CA ILE A 863 -0.96 -15.65 43.79
C ILE A 863 -0.93 -16.80 44.78
N ILE A 864 -0.55 -18.00 44.31
CA ILE A 864 -0.50 -19.17 45.19
C ILE A 864 0.55 -18.99 46.27
N LEU A 865 1.72 -18.47 45.90
CA LEU A 865 2.77 -18.23 46.88
C LEU A 865 2.34 -17.19 47.91
N ALA A 866 1.69 -16.12 47.46
CA ALA A 866 1.25 -15.09 48.39
C ALA A 866 0.19 -15.63 49.35
N VAL A 867 -0.71 -16.49 48.85
CA VAL A 867 -1.73 -17.06 49.73
C VAL A 867 -1.10 -18.03 50.72
N ALA A 868 -0.17 -18.87 50.25
CA ALA A 868 0.46 -19.85 51.13
C ALA A 868 1.29 -19.17 52.22
N VAL A 869 2.05 -18.15 51.84
CA VAL A 869 2.92 -17.47 52.80
C VAL A 869 2.09 -16.78 53.88
N ASN A 870 1.04 -16.06 53.47
CA ASN A 870 0.15 -15.40 54.44
C ASN A 870 -1.20 -15.24 53.75
N TRP A 871 -2.18 -16.05 54.15
CA TRP A 871 -3.48 -16.02 53.50
C TRP A 871 -4.17 -14.68 53.68
N ARG A 872 -3.99 -14.04 54.85
CA ARG A 872 -4.69 -12.76 55.12
C ARG A 872 -4.22 -11.71 54.12
N LEU A 873 -2.96 -11.82 53.68
CA LEU A 873 -2.34 -10.83 52.75
C LEU A 873 -2.52 -11.27 51.31
N GLY A 874 -2.35 -12.53 51.03
CA GLY A 874 -2.54 -13.04 49.66
C GLY A 874 -3.96 -12.82 49.17
N LEU A 875 -4.96 -12.88 50.01
CA LEU A 875 -6.34 -12.58 49.54
C LEU A 875 -6.42 -11.13 49.05
N VAL A 876 -5.87 -10.16 49.75
CA VAL A 876 -5.91 -8.79 49.19
C VAL A 876 -5.08 -8.75 47.90
N CYS A 877 -3.88 -9.35 47.87
CA CYS A 877 -3.10 -9.45 46.61
C CYS A 877 -3.94 -10.07 45.49
N THR A 878 -4.71 -11.10 45.78
CA THR A 878 -5.61 -11.72 44.78
C THR A 878 -6.63 -10.69 44.29
N ALA A 879 -7.03 -9.71 45.11
CA ALA A 879 -8.09 -8.75 44.72
C ALA A 879 -7.50 -7.49 44.10
N THR A 880 -6.23 -7.20 44.34
CA THR A 880 -5.56 -6.04 43.70
C THR A 880 -4.99 -6.45 42.33
N VAL A 881 -4.69 -7.74 42.14
CA VAL A 881 -4.11 -8.22 40.85
C VAL A 881 -5.08 -7.98 39.69
N PRO A 882 -6.40 -8.26 39.77
CA PRO A 882 -7.32 -7.91 38.69
C PRO A 882 -7.24 -6.42 38.32
N ILE A 883 -7.14 -5.54 39.31
CA ILE A 883 -7.04 -4.11 39.06
C ILE A 883 -5.71 -3.78 38.40
N LEU A 884 -4.61 -4.30 38.94
CA LEU A 884 -3.28 -4.04 38.41
C LEU A 884 -3.08 -4.63 37.02
N LEU A 885 -3.84 -5.65 36.64
CA LEU A 885 -3.77 -6.22 35.30
C LEU A 885 -4.69 -5.51 34.32
N GLY A 886 -5.89 -5.14 34.76
CA GLY A 886 -6.77 -4.36 33.90
C GLY A 886 -6.19 -3.01 33.55
N CYS A 887 -5.53 -2.36 34.52
CA CYS A 887 -4.90 -1.08 34.23
C CYS A 887 -3.82 -1.23 33.16
N GLY A 888 -2.98 -2.26 33.31
CA GLY A 888 -1.93 -2.48 32.32
C GLY A 888 -2.45 -2.84 30.95
N PHE A 889 -3.54 -3.60 30.89
CA PHE A 889 -4.13 -3.94 29.59
C PHE A 889 -4.78 -2.73 28.95
N PHE A 890 -5.53 -1.95 29.73
CA PHE A 890 -6.27 -0.84 29.18
C PHE A 890 -5.40 0.36 28.85
N SER A 891 -4.21 0.48 29.44
CA SER A 891 -3.26 1.47 28.94
C SER A 891 -2.92 1.20 27.48
N VAL A 892 -2.55 -0.04 27.18
CA VAL A 892 -2.24 -0.42 25.79
C VAL A 892 -3.48 -0.28 24.91
N TYR A 893 -4.63 -0.69 25.42
CA TYR A 893 -5.85 -0.62 24.62
C TYR A 893 -6.19 0.83 24.25
N LEU A 894 -6.07 1.75 25.22
CA LEU A 894 -6.37 3.15 24.94
C LEU A 894 -5.32 3.77 24.03
N LEU A 895 -4.06 3.35 24.12
CA LEU A 895 -3.07 3.79 23.15
C LEU A 895 -3.43 3.32 21.75
N MET A 896 -3.91 2.08 21.62
CA MET A 896 -4.39 1.59 20.33
C MET A 896 -5.55 2.43 19.82
N VAL A 897 -6.46 2.80 20.71
CA VAL A 897 -7.60 3.64 20.33
C VAL A 897 -7.11 4.99 19.79
N PHE A 898 -6.15 5.59 20.49
CA PHE A 898 -5.56 6.85 20.02
C PHE A 898 -4.91 6.66 18.65
N GLU A 899 -4.29 5.50 18.41
CA GLU A 899 -3.63 5.24 17.11
C GLU A 899 -4.70 5.12 16.00
N GLU A 900 -5.81 4.44 16.30
CA GLU A 900 -6.83 4.21 15.26
C GLU A 900 -7.64 5.46 14.97
N ARG A 901 -7.76 6.37 15.94
CA ARG A 901 -8.60 7.55 15.75
C ARG A 901 -8.13 8.40 14.58
N ILE A 902 -6.81 8.58 14.44
CA ILE A 902 -6.28 9.44 13.39
C ILE A 902 -6.69 8.92 12.02
N LEU A 903 -6.58 7.62 11.81
CA LEU A 903 -6.94 7.05 10.52
C LEU A 903 -8.45 7.02 10.30
N LYS A 904 -9.24 6.81 11.35
CA LYS A 904 -10.72 6.67 11.14
C LYS A 904 -11.43 8.01 11.12
N ASP A 905 -10.75 9.10 11.52
CA ASP A 905 -11.41 10.39 11.61
C ASP A 905 -11.30 11.24 10.36
N TYR A 906 -10.13 11.25 9.71
CA TYR A 906 -9.94 12.01 8.47
C TYR A 906 -10.16 11.08 7.27
N GLN A 907 -11.40 10.61 7.15
CA GLN A 907 -11.80 9.77 6.03
C GLN A 907 -12.87 10.41 5.17
N GLU A 908 -13.81 11.13 5.79
CA GLU A 908 -14.79 11.89 5.02
C GLU A 908 -14.15 13.04 4.26
N SER A 909 -12.94 13.44 4.66
CA SER A 909 -12.23 14.56 4.05
C SER A 909 -11.09 14.15 3.15
N ALA A 910 -10.36 13.09 3.51
CA ALA A 910 -9.30 12.59 2.64
C ALA A 910 -9.87 12.03 1.35
N SER A 911 -11.05 11.40 1.44
CA SER A 911 -11.67 10.86 0.23
C SER A 911 -12.07 11.96 -0.73
N TYR A 912 -12.55 13.09 -0.21
CA TYR A 912 -12.88 14.22 -1.06
C TYR A 912 -11.65 14.74 -1.80
N ALA A 913 -10.53 14.85 -1.08
CA ALA A 913 -9.29 15.32 -1.70
C ALA A 913 -8.81 14.33 -2.76
N CYS A 914 -8.88 13.03 -2.48
CA CYS A 914 -8.46 12.04 -3.46
C CYS A 914 -9.38 12.05 -4.67
N GLU A 915 -10.67 12.35 -4.47
CA GLU A 915 -11.60 12.47 -5.59
C GLU A 915 -11.23 13.66 -6.47
N GLN A 916 -11.01 14.83 -5.86
CA GLN A 916 -10.73 16.02 -6.64
C GLN A 916 -9.33 16.03 -7.23
N VAL A 917 -8.42 15.22 -6.70
CA VAL A 917 -7.06 15.13 -7.24
C VAL A 917 -6.94 14.07 -8.33
N SER A 918 -7.74 13.01 -8.27
CA SER A 918 -7.75 12.00 -9.33
C SER A 918 -8.29 12.53 -10.64
N ALA A 919 -8.90 13.71 -10.63
CA ALA A 919 -9.47 14.37 -11.80
C ALA A 919 -8.87 15.76 -11.95
N LEU A 920 -7.55 15.82 -11.87
CA LEU A 920 -6.87 17.10 -11.62
C LEU A 920 -6.81 17.98 -12.86
N LYS A 921 -6.73 17.40 -14.06
CA LYS A 921 -6.81 18.21 -15.27
C LYS A 921 -8.18 18.87 -15.39
N THR A 922 -9.24 18.14 -15.04
CA THR A 922 -10.59 18.72 -15.08
C THR A 922 -10.72 19.85 -14.07
N VAL A 923 -10.16 19.68 -12.87
CA VAL A 923 -10.19 20.74 -11.87
C VAL A 923 -9.41 21.95 -12.34
N VAL A 924 -8.23 21.73 -12.91
CA VAL A 924 -7.39 22.85 -13.34
C VAL A 924 -8.05 23.61 -14.47
N SER A 925 -8.63 22.91 -15.44
CA SER A 925 -9.26 23.56 -16.58
C SER A 925 -10.54 24.32 -16.20
N LEU A 926 -11.18 23.95 -15.10
CA LEU A 926 -12.34 24.67 -14.60
C LEU A 926 -11.97 25.76 -13.60
N THR A 927 -10.70 25.84 -13.19
CA THR A 927 -10.25 26.72 -12.13
C THR A 927 -11.07 26.54 -10.86
N ARG A 928 -11.38 25.29 -10.55
CA ARG A 928 -12.08 24.92 -9.32
C ARG A 928 -11.12 24.71 -8.17
N GLU A 929 -9.92 25.29 -8.27
CA GLU A 929 -8.87 25.05 -7.26
C GLU A 929 -9.17 25.79 -5.94
N VAL A 930 -9.66 27.03 -6.01
CA VAL A 930 -9.95 27.79 -4.81
C VAL A 930 -11.14 27.21 -4.07
N GLY A 931 -12.20 26.85 -4.79
CA GLY A 931 -13.37 26.28 -4.14
C GLY A 931 -13.09 24.96 -3.44
N ILE A 932 -12.29 24.11 -4.09
CA ILE A 932 -11.87 22.86 -3.46
C ILE A 932 -11.06 23.14 -2.21
N TYR A 933 -10.16 24.13 -2.29
CA TYR A 933 -9.38 24.47 -1.10
C TYR A 933 -10.28 24.92 0.04
N GLU A 934 -11.28 25.76 -0.27
CA GLU A 934 -12.18 26.29 0.78
C GLU A 934 -12.99 25.15 1.39
N LYS A 935 -13.50 24.23 0.58
CA LYS A 935 -14.30 23.13 1.11
C LYS A 935 -13.44 22.18 1.96
N TYR A 936 -12.26 21.82 1.47
CA TYR A 936 -11.39 20.91 2.21
C TYR A 936 -10.93 21.53 3.52
N SER A 937 -10.55 22.82 3.47
CA SER A 937 -10.09 23.51 4.67
C SER A 937 -11.20 23.60 5.71
N ASN A 938 -12.43 23.92 5.28
CA ASN A 938 -13.54 23.97 6.23
C ASN A 938 -13.81 22.59 6.82
N SER A 939 -13.75 21.55 5.99
CA SER A 939 -13.98 20.20 6.48
C SER A 939 -12.98 19.83 7.58
N ILE A 940 -11.69 20.05 7.32
CA ILE A 940 -10.72 19.63 8.33
C ILE A 940 -10.70 20.58 9.53
N LYS A 941 -11.06 21.84 9.34
CA LYS A 941 -11.18 22.74 10.49
C LYS A 941 -12.31 22.33 11.40
N ASP A 942 -13.43 21.86 10.83
CA ASP A 942 -14.49 21.30 11.65
C ASP A 942 -14.05 20.00 12.31
N GLN A 943 -13.28 19.20 11.58
CA GLN A 943 -12.83 17.92 12.13
C GLN A 943 -11.91 18.11 13.32
N VAL A 944 -11.09 19.17 13.33
CA VAL A 944 -10.21 19.41 14.47
C VAL A 944 -11.03 19.68 15.73
N LYS A 945 -12.04 20.55 15.62
CA LYS A 945 -12.89 20.87 16.76
C LYS A 945 -13.65 19.65 17.24
N ARG A 946 -14.15 18.83 16.31
CA ARG A 946 -14.83 17.61 16.70
C ARG A 946 -13.86 16.64 17.40
N SER A 947 -12.64 16.55 16.89
CA SER A 947 -11.68 15.57 17.37
C SER A 947 -11.16 15.89 18.76
N ALA A 948 -10.98 17.17 19.09
CA ALA A 948 -10.52 17.52 20.44
C ALA A 948 -11.52 17.03 21.49
N ARG A 949 -12.81 17.31 21.28
CA ARG A 949 -13.83 16.86 22.21
C ARG A 949 -14.03 15.36 22.16
N SER A 950 -13.75 14.73 21.01
CA SER A 950 -13.76 13.27 20.97
C SER A 950 -12.65 12.69 21.84
N VAL A 951 -11.47 13.30 21.80
CA VAL A 951 -10.32 12.76 22.52
C VAL A 951 -10.48 12.91 24.02
N SER A 952 -10.96 14.08 24.48
CA SER A 952 -10.93 14.39 25.91
C SER A 952 -11.55 13.29 26.76
N ARG A 953 -12.65 12.69 26.29
CA ARG A 953 -13.33 11.67 27.07
C ARG A 953 -12.46 10.44 27.30
N THR A 954 -11.72 10.00 26.28
CA THR A 954 -10.85 8.84 26.41
C THR A 954 -9.58 9.20 27.19
N THR A 955 -9.08 10.42 26.99
CA THR A 955 -7.92 10.86 27.75
C THR A 955 -8.20 10.87 29.25
N LEU A 956 -9.45 11.16 29.64
CA LEU A 956 -9.80 11.09 31.05
C LEU A 956 -9.56 9.69 31.62
N LEU A 957 -10.07 8.67 30.93
CA LEU A 957 -9.88 7.29 31.40
C LEU A 957 -8.40 6.90 31.38
N TYR A 958 -7.67 7.33 30.35
CA TYR A 958 -6.25 7.01 30.30
C TYR A 958 -5.51 7.60 31.49
N ALA A 959 -5.81 8.85 31.84
CA ALA A 959 -5.17 9.48 32.99
C ALA A 959 -5.56 8.78 34.28
N LEU A 960 -6.82 8.39 34.42
CA LEU A 960 -7.25 7.64 35.61
C LEU A 960 -6.45 6.36 35.76
N ILE A 961 -6.30 5.62 34.65
CA ILE A 961 -5.55 4.36 34.69
C ILE A 961 -4.10 4.62 35.06
N GLN A 962 -3.50 5.68 34.50
CA GLN A 962 -2.11 6.00 34.84
C GLN A 962 -1.95 6.36 36.31
N GLY A 963 -2.94 7.02 36.90
CA GLY A 963 -2.85 7.38 38.30
C GLY A 963 -3.26 6.29 39.27
N MET A 964 -3.85 5.21 38.76
CA MET A 964 -4.39 4.17 39.64
C MET A 964 -3.30 3.47 40.46
N ASN A 965 -2.09 3.30 39.92
CA ASN A 965 -1.09 2.46 40.58
C ASN A 965 -0.67 2.95 41.96
N PRO A 966 -0.32 4.22 42.15
CA PRO A 966 0.06 4.66 43.51
C PRO A 966 -1.04 4.46 44.54
N TRP A 967 -2.30 4.58 44.14
CA TRP A 967 -3.40 4.33 45.08
C TRP A 967 -3.41 2.87 45.53
N VAL A 968 -3.21 1.95 44.59
CA VAL A 968 -3.14 0.53 44.95
C VAL A 968 -1.98 0.27 45.89
N PHE A 969 -0.82 0.86 45.62
CA PHE A 969 0.32 0.68 46.51
C PHE A 969 0.04 1.25 47.89
N ALA A 970 -0.65 2.40 47.95
CA ALA A 970 -0.99 3.00 49.24
C ALA A 970 -1.91 2.09 50.05
N LEU A 971 -2.95 1.55 49.41
CA LEU A 971 -3.84 0.63 50.10
C LEU A 971 -3.09 -0.61 50.59
N GLY A 972 -2.25 -1.18 49.73
CA GLY A 972 -1.50 -2.36 50.13
C GLY A 972 -0.58 -2.11 51.31
N PHE A 973 0.13 -0.99 51.28
CA PHE A 973 1.05 -0.67 52.38
C PHE A 973 0.30 -0.36 53.67
N TRP A 974 -0.83 0.33 53.57
CA TRP A 974 -1.62 0.61 54.77
C TRP A 974 -2.11 -0.68 55.41
N TYR A 975 -2.63 -1.60 54.60
CA TYR A 975 -3.09 -2.88 55.13
C TYR A 975 -1.93 -3.67 55.72
N GLY A 976 -0.78 -3.66 55.05
CA GLY A 976 0.37 -4.37 55.57
C GLY A 976 0.82 -3.84 56.91
N SER A 977 0.86 -2.51 57.07
CA SER A 977 1.24 -1.94 58.35
C SER A 977 0.25 -2.31 59.44
N ARG A 978 -1.05 -2.26 59.12
CA ARG A 978 -2.04 -2.68 60.10
C ARG A 978 -1.86 -4.15 60.47
N LEU A 979 -1.39 -4.98 59.53
CA LEU A 979 -1.15 -6.39 59.83
C LEU A 979 0.06 -6.55 60.75
N LEU A 980 1.15 -5.85 60.47
CA LEU A 980 2.32 -5.92 61.36
C LEU A 980 1.99 -5.38 62.76
N LEU A 981 1.03 -4.45 62.86
CA LEU A 981 0.60 -4.00 64.18
C LEU A 981 0.08 -5.16 65.02
N GLU A 982 -0.78 -6.00 64.45
CA GLU A 982 -1.46 -7.06 65.18
C GLU A 982 -0.68 -8.37 65.23
N GLY A 983 0.51 -8.41 64.63
CA GLY A 983 1.29 -9.63 64.62
C GLY A 983 0.80 -10.70 63.67
N ARG A 984 -0.14 -10.38 62.79
CA ARG A 984 -0.68 -11.34 61.84
C ARG A 984 0.16 -11.44 60.57
N ALA A 985 1.25 -10.68 60.47
CA ALA A 985 2.12 -10.73 59.31
C ALA A 985 3.52 -10.33 59.73
N THR A 986 4.49 -10.64 58.89
CA THR A 986 5.88 -10.35 59.14
C THR A 986 6.45 -9.57 57.96
N ASN A 987 7.47 -8.77 58.24
CA ASN A 987 8.13 -7.99 57.19
C ASN A 987 8.55 -8.89 56.03
N ARG A 988 9.12 -10.05 56.33
CA ARG A 988 9.52 -10.99 55.30
C ARG A 988 8.33 -11.44 54.47
N GLU A 989 7.23 -11.79 55.13
CA GLU A 989 6.04 -12.24 54.40
C GLU A 989 5.46 -11.11 53.54
N PHE A 990 5.41 -9.90 54.08
CA PHE A 990 4.87 -8.78 53.32
C PHE A 990 5.69 -8.51 52.07
N PHE A 991 7.02 -8.50 52.20
CA PHE A 991 7.84 -8.20 51.02
C PHE A 991 7.92 -9.38 50.06
N THR A 992 7.79 -10.62 50.56
CA THR A 992 7.66 -11.75 49.66
C THR A 992 6.41 -11.63 48.80
N VAL A 993 5.28 -11.30 49.43
CA VAL A 993 4.03 -11.12 48.69
C VAL A 993 4.16 -9.96 47.70
N LEU A 994 4.79 -8.87 48.14
CA LEU A 994 4.95 -7.70 47.28
C LEU A 994 5.78 -8.03 46.04
N MET A 995 6.91 -8.71 46.23
CA MET A 995 7.74 -9.08 45.09
C MET A 995 7.05 -10.11 44.20
N ALA A 996 6.26 -11.01 44.79
CA ALA A 996 5.55 -12.00 43.99
C ALA A 996 4.52 -11.34 43.08
N ILE A 997 3.72 -10.41 43.62
CA ILE A 997 2.75 -9.73 42.77
C ILE A 997 3.46 -8.81 41.78
N LEU A 998 4.62 -8.26 42.16
CA LEU A 998 5.40 -7.47 41.22
C LEU A 998 5.83 -8.31 40.02
N PHE A 999 6.36 -9.50 40.28
CA PHE A 999 6.76 -10.39 39.19
C PHE A 999 5.56 -10.79 38.36
N GLY A 1000 4.43 -11.08 39.00
CA GLY A 1000 3.23 -11.44 38.26
C GLY A 1000 2.79 -10.33 37.32
N CYS A 1001 2.78 -9.09 37.80
CA CYS A 1001 2.35 -7.97 36.97
C CYS A 1001 3.38 -7.60 35.91
N GLN A 1002 4.67 -7.82 36.16
CA GLN A 1002 5.68 -7.56 35.14
C GLN A 1002 5.65 -8.63 34.05
N SER A 1003 5.36 -9.88 34.41
CA SER A 1003 5.25 -10.96 33.45
C SER A 1003 3.94 -10.96 32.68
N ALA A 1004 2.86 -10.44 33.27
CA ALA A 1004 1.62 -10.30 32.55
C ALA A 1004 1.56 -9.04 31.72
N GLY A 1005 2.47 -8.10 31.95
CA GLY A 1005 2.63 -6.96 31.07
C GLY A 1005 3.48 -7.23 29.86
N GLU A 1006 4.14 -8.39 29.83
CA GLU A 1006 4.80 -8.83 28.60
C GLU A 1006 3.79 -9.33 27.58
N PHE A 1007 2.71 -9.95 28.04
CA PHE A 1007 1.68 -10.44 27.14
C PHE A 1007 0.80 -9.33 26.59
N PHE A 1008 0.58 -8.27 27.36
CA PHE A 1008 -0.25 -7.17 26.89
C PHE A 1008 0.38 -6.38 25.77
N SER A 1009 1.72 -6.35 25.68
CA SER A 1009 2.39 -5.73 24.55
C SER A 1009 2.13 -6.48 23.24
N TYR A 1010 1.64 -7.72 23.32
CA TYR A 1010 1.20 -8.43 22.13
C TYR A 1010 -0.17 -7.99 21.65
N ALA A 1011 -0.88 -7.21 22.46
CA ALA A 1011 -2.25 -6.84 22.11
C ALA A 1011 -2.37 -6.04 20.82
N PRO A 1012 -1.54 -5.02 20.55
CA PRO A 1012 -1.64 -4.35 19.24
C PRO A 1012 -1.42 -5.29 18.06
N GLY A 1013 -0.49 -6.23 18.17
CA GLY A 1013 -0.26 -7.17 17.08
C GLY A 1013 -1.49 -8.01 16.78
N MET A 1014 -2.09 -8.59 17.81
CA MET A 1014 -3.33 -9.33 17.63
C MET A 1014 -4.46 -8.44 17.13
N GLY A 1015 -4.32 -7.12 17.22
CA GLY A 1015 -5.27 -6.24 16.59
C GLY A 1015 -5.34 -6.44 15.09
N LYS A 1016 -4.18 -6.61 14.44
CA LYS A 1016 -4.17 -6.85 13.00
C LYS A 1016 -4.13 -8.33 12.64
N ALA A 1017 -3.41 -9.14 13.42
CA ALA A 1017 -3.26 -10.56 13.10
C ALA A 1017 -4.61 -11.23 12.89
N LYS A 1018 -5.56 -11.00 13.79
CA LYS A 1018 -6.90 -11.57 13.63
C LYS A 1018 -7.45 -11.27 12.25
N GLN A 1019 -7.42 -9.99 11.85
CA GLN A 1019 -7.87 -9.63 10.50
C GLN A 1019 -7.13 -10.46 9.46
N ALA A 1020 -5.81 -10.45 9.52
CA ALA A 1020 -5.04 -11.23 8.56
C ALA A 1020 -5.51 -12.67 8.54
N ALA A 1021 -5.67 -13.29 9.70
CA ALA A 1021 -6.06 -14.71 9.77
C ALA A 1021 -7.31 -14.98 8.94
N ILE A 1022 -8.37 -14.17 9.09
CA ILE A 1022 -9.64 -14.42 8.37
C ILE A 1022 -9.43 -14.27 6.85
N ASN A 1023 -8.64 -13.29 6.43
CA ASN A 1023 -8.35 -13.08 4.99
C ASN A 1023 -7.61 -14.31 4.44
N ILE A 1024 -6.63 -14.82 5.19
CA ILE A 1024 -5.83 -15.99 4.74
C ILE A 1024 -6.76 -17.21 4.64
N ARG A 1025 -7.69 -17.36 5.59
CA ARG A 1025 -8.60 -18.53 5.58
C ARG A 1025 -9.44 -18.49 4.29
N GLN A 1026 -9.92 -17.31 3.91
CA GLN A 1026 -10.70 -17.17 2.65
C GLN A 1026 -9.80 -17.54 1.46
N VAL A 1027 -8.56 -17.08 1.45
CA VAL A 1027 -7.63 -17.35 0.30
C VAL A 1027 -7.39 -18.85 0.20
N LEU A 1028 -7.14 -19.52 1.34
CA LEU A 1028 -6.86 -20.97 1.34
C LEU A 1028 -8.09 -21.73 0.85
N ASP A 1029 -9.28 -21.28 1.25
CA ASP A 1029 -10.52 -22.01 0.88
C ASP A 1029 -10.93 -21.72 -0.57
N THR A 1030 -10.47 -20.61 -1.15
CA THR A 1030 -10.91 -20.25 -2.50
C THR A 1030 -10.54 -21.38 -3.47
N ARG A 1031 -11.54 -21.85 -4.22
CA ARG A 1031 -11.37 -22.93 -5.17
C ARG A 1031 -12.05 -22.56 -6.47
N PRO A 1032 -11.42 -22.82 -7.62
CA PRO A 1032 -12.05 -22.51 -8.90
C PRO A 1032 -13.27 -23.40 -9.15
N LYS A 1033 -14.21 -22.84 -9.90
CA LYS A 1033 -15.49 -23.53 -10.12
C LYS A 1033 -15.28 -24.84 -10.87
N SER A 1034 -14.79 -24.76 -12.11
CA SER A 1034 -14.60 -25.94 -12.94
C SER A 1034 -13.16 -26.09 -13.42
N ILE A 1035 -12.50 -24.99 -13.78
CA ILE A 1035 -11.13 -25.07 -14.29
C ILE A 1035 -10.19 -25.21 -13.10
N ASP A 1036 -9.88 -26.46 -12.74
CA ASP A 1036 -8.97 -26.72 -11.59
C ASP A 1036 -7.81 -27.60 -12.09
N ILE A 1037 -6.58 -27.22 -11.77
CA ILE A 1037 -5.41 -27.96 -12.25
C ILE A 1037 -5.05 -29.10 -11.30
N GLU A 1038 -5.36 -28.96 -10.01
CA GLU A 1038 -4.94 -29.96 -9.04
C GLU A 1038 -5.80 -31.22 -9.10
N SER A 1039 -7.08 -31.06 -9.44
CA SER A 1039 -7.99 -32.23 -9.57
C SER A 1039 -7.41 -33.23 -10.56
N GLU A 1040 -7.41 -34.50 -10.18
CA GLU A 1040 -6.93 -35.57 -11.10
C GLU A 1040 -8.13 -36.30 -11.71
N ASP A 1041 -9.25 -35.59 -11.88
CA ASP A 1041 -10.49 -36.21 -12.43
C ASP A 1041 -10.66 -35.84 -13.91
N GLY A 1042 -10.61 -36.82 -14.82
CA GLY A 1042 -10.84 -36.54 -16.24
C GLY A 1042 -10.15 -37.56 -17.14
N LEU A 1043 -10.77 -37.91 -18.27
CA LEU A 1043 -10.15 -38.86 -19.24
C LEU A 1043 -8.79 -38.32 -19.65
N LYS A 1044 -7.71 -39.05 -19.38
CA LYS A 1044 -6.37 -38.62 -19.83
C LYS A 1044 -6.27 -38.86 -21.34
N ILE A 1045 -5.33 -38.19 -22.02
CA ILE A 1045 -5.25 -38.29 -23.51
C ILE A 1045 -4.17 -39.31 -23.90
N ASP A 1046 -4.36 -40.03 -25.01
CA ASP A 1046 -3.33 -40.99 -25.48
C ASP A 1046 -2.58 -40.37 -26.67
N ARG A 1047 -1.26 -40.24 -26.57
CA ARG A 1047 -0.46 -39.60 -27.65
C ARG A 1047 -0.57 -40.40 -28.94
N LEU A 1048 -0.57 -41.73 -28.85
CA LEU A 1048 -0.60 -42.58 -30.07
C LEU A 1048 -1.91 -42.34 -30.84
N ASN A 1049 -3.03 -42.23 -30.13
CA ASN A 1049 -4.35 -42.07 -30.79
C ASN A 1049 -4.67 -40.57 -30.97
N LEU A 1050 -3.77 -39.67 -30.55
CA LEU A 1050 -4.07 -38.21 -30.58
C LEU A 1050 -4.09 -37.66 -32.02
N LYS A 1051 -5.27 -37.55 -32.65
CA LYS A 1051 -5.38 -36.95 -34.00
C LYS A 1051 -5.08 -35.44 -33.97
N GLY A 1052 -5.55 -34.72 -32.94
CA GLY A 1052 -5.28 -33.27 -32.82
C GLY A 1052 -6.31 -32.36 -33.45
N GLY A 1053 -7.46 -32.90 -33.89
CA GLY A 1053 -8.54 -32.05 -34.45
C GLY A 1053 -9.23 -31.19 -33.41
N ILE A 1054 -9.73 -30.02 -33.79
CA ILE A 1054 -10.44 -29.09 -32.84
C ILE A 1054 -11.83 -28.77 -33.39
N GLU A 1055 -12.82 -28.52 -32.52
CA GLU A 1055 -14.17 -28.17 -32.97
C GLU A 1055 -14.86 -27.36 -31.89
N LEU A 1056 -15.17 -26.11 -32.20
CA LEU A 1056 -15.98 -25.26 -31.34
C LEU A 1056 -17.42 -25.35 -31.85
N ARG A 1057 -18.28 -26.02 -31.08
CA ARG A 1057 -19.64 -26.35 -31.50
C ARG A 1057 -20.61 -25.43 -30.75
N ASP A 1058 -21.23 -24.52 -31.51
CA ASP A 1058 -22.30 -23.65 -31.00
C ASP A 1058 -21.89 -22.91 -29.74
N VAL A 1059 -20.69 -22.36 -29.77
CA VAL A 1059 -20.10 -21.71 -28.60
C VAL A 1059 -20.55 -20.26 -28.54
N THR A 1060 -21.10 -19.87 -27.39
CA THR A 1060 -21.33 -18.48 -27.05
C THR A 1060 -20.60 -18.20 -25.74
N PHE A 1061 -20.06 -16.99 -25.61
CA PHE A 1061 -19.16 -16.71 -24.50
C PHE A 1061 -19.24 -15.24 -24.12
N ARG A 1062 -19.21 -14.98 -22.81
CA ARG A 1062 -19.21 -13.63 -22.26
C ARG A 1062 -18.14 -13.53 -21.20
N TYR A 1063 -17.44 -12.38 -21.24
CA TYR A 1063 -16.39 -12.11 -20.23
C TYR A 1063 -17.05 -11.86 -18.87
N PRO A 1064 -16.73 -12.59 -17.75
CA PRO A 1064 -17.44 -12.39 -16.48
C PRO A 1064 -17.38 -10.96 -15.97
N THR A 1065 -16.29 -10.25 -16.24
CA THR A 1065 -16.15 -8.83 -15.78
C THR A 1065 -17.27 -8.00 -16.41
N ARG A 1066 -17.53 -8.19 -17.72
CA ARG A 1066 -18.56 -7.47 -18.46
C ARG A 1066 -19.46 -8.50 -19.13
N PRO A 1067 -20.39 -9.11 -18.39
CA PRO A 1067 -21.25 -10.14 -18.99
C PRO A 1067 -22.30 -9.57 -19.95
N GLU A 1068 -22.49 -8.25 -19.96
CA GLU A 1068 -23.45 -7.65 -20.88
C GLU A 1068 -22.99 -7.78 -22.33
N VAL A 1069 -21.72 -7.51 -22.58
CA VAL A 1069 -21.18 -7.49 -23.94
C VAL A 1069 -20.74 -8.89 -24.35
N PRO A 1070 -21.34 -9.48 -25.38
CA PRO A 1070 -20.87 -10.78 -25.88
C PRO A 1070 -19.67 -10.60 -26.78
N VAL A 1071 -18.76 -11.58 -26.72
CA VAL A 1071 -17.59 -11.58 -27.59
C VAL A 1071 -17.79 -12.62 -28.69
N LEU A 1072 -18.28 -13.81 -28.33
CA LEU A 1072 -18.59 -14.86 -29.28
C LEU A 1072 -20.05 -15.25 -29.15
N THR A 1073 -20.73 -15.39 -30.29
CA THR A 1073 -22.14 -15.76 -30.32
C THR A 1073 -22.35 -16.85 -31.36
N ASP A 1074 -22.74 -18.03 -30.90
CA ASP A 1074 -23.07 -19.16 -31.77
C ASP A 1074 -21.94 -19.45 -32.76
N LEU A 1075 -20.72 -19.53 -32.24
CA LEU A 1075 -19.55 -19.76 -33.07
C LEU A 1075 -19.41 -21.26 -33.36
N ASN A 1076 -19.51 -21.64 -34.62
CA ASN A 1076 -19.28 -23.01 -35.07
C ASN A 1076 -18.03 -23.00 -35.94
N LEU A 1077 -17.04 -23.81 -35.57
CA LEU A 1077 -15.74 -23.77 -36.24
C LEU A 1077 -15.09 -25.14 -36.09
N ILE A 1078 -14.40 -25.58 -37.14
CA ILE A 1078 -13.75 -26.89 -37.15
C ILE A 1078 -12.35 -26.75 -37.76
N ILE A 1079 -11.34 -27.27 -37.07
CA ILE A 1079 -10.01 -27.41 -37.63
C ILE A 1079 -9.75 -28.91 -37.77
N LYS A 1080 -9.59 -29.38 -39.02
CA LYS A 1080 -9.19 -30.75 -39.26
C LYS A 1080 -7.74 -30.95 -38.83
N PRO A 1081 -7.34 -32.18 -38.50
CA PRO A 1081 -5.95 -32.42 -38.09
C PRO A 1081 -4.98 -32.01 -39.20
N GLY A 1082 -3.90 -31.35 -38.80
CA GLY A 1082 -2.86 -30.95 -39.71
C GLY A 1082 -3.09 -29.64 -40.45
N GLN A 1083 -4.26 -29.02 -40.27
CA GLN A 1083 -4.55 -27.79 -40.99
C GLN A 1083 -3.83 -26.60 -40.38
N TYR A 1084 -3.35 -25.71 -41.25
CA TYR A 1084 -2.73 -24.46 -40.83
C TYR A 1084 -3.78 -23.36 -41.01
N VAL A 1085 -4.61 -23.19 -39.97
CA VAL A 1085 -5.77 -22.32 -40.06
C VAL A 1085 -5.44 -20.92 -39.56
N GLY A 1086 -5.98 -19.90 -40.24
CA GLY A 1086 -5.79 -18.53 -39.83
C GLY A 1086 -7.08 -17.81 -39.49
N LEU A 1087 -7.15 -17.22 -38.30
CA LEU A 1087 -8.34 -16.54 -37.81
C LEU A 1087 -8.17 -15.03 -37.93
N VAL A 1088 -8.48 -14.51 -39.12
CA VAL A 1088 -8.45 -13.07 -39.34
C VAL A 1088 -9.81 -12.48 -39.01
N GLY A 1089 -9.84 -11.17 -38.83
CA GLY A 1089 -11.09 -10.48 -38.55
C GLY A 1089 -10.83 -9.06 -38.13
N ALA A 1090 -11.91 -8.28 -38.11
CA ALA A 1090 -11.84 -6.91 -37.63
C ALA A 1090 -11.57 -6.87 -36.13
N SER A 1091 -10.93 -5.81 -35.68
CA SER A 1091 -10.60 -5.68 -34.26
C SER A 1091 -11.87 -5.68 -33.42
N GLY A 1092 -11.80 -6.37 -32.28
CA GLY A 1092 -12.95 -6.49 -31.40
C GLY A 1092 -13.90 -7.62 -31.73
N CYS A 1093 -13.54 -8.49 -32.66
CA CYS A 1093 -14.39 -9.61 -33.05
C CYS A 1093 -14.26 -10.81 -32.14
N GLY A 1094 -13.41 -10.74 -31.13
CA GLY A 1094 -13.19 -11.89 -30.26
C GLY A 1094 -12.51 -13.06 -30.94
N LYS A 1095 -11.60 -12.77 -31.86
CA LYS A 1095 -10.81 -13.85 -32.46
C LYS A 1095 -9.73 -14.36 -31.52
N SER A 1096 -9.22 -13.49 -30.64
CA SER A 1096 -8.24 -13.91 -29.63
C SER A 1096 -8.86 -14.68 -28.48
N THR A 1097 -10.20 -14.67 -28.35
CA THR A 1097 -10.87 -15.44 -27.31
C THR A 1097 -10.88 -16.92 -27.64
N THR A 1098 -10.76 -17.28 -28.92
CA THR A 1098 -10.70 -18.69 -29.29
C THR A 1098 -9.48 -19.37 -28.67
N VAL A 1099 -8.36 -18.65 -28.59
CA VAL A 1099 -7.18 -19.18 -27.92
C VAL A 1099 -7.47 -19.44 -26.45
N GLY A 1100 -8.14 -18.51 -25.79
CA GLY A 1100 -8.49 -18.71 -24.39
C GLY A 1100 -9.40 -19.89 -24.20
N LEU A 1101 -10.32 -20.12 -25.15
CA LEU A 1101 -11.26 -21.23 -25.03
C LEU A 1101 -10.58 -22.57 -25.28
N ILE A 1102 -9.68 -22.63 -26.26
CA ILE A 1102 -9.00 -23.89 -26.57
C ILE A 1102 -8.02 -24.25 -25.45
N GLU A 1103 -7.29 -23.25 -24.93
CA GLU A 1103 -6.43 -23.46 -23.78
C GLU A 1103 -7.21 -23.70 -22.50
N ARG A 1104 -8.53 -23.53 -22.55
CA ARG A 1104 -9.41 -23.68 -21.38
C ARG A 1104 -9.04 -22.70 -20.27
N PHE A 1105 -8.63 -21.49 -20.64
CA PHE A 1105 -8.58 -20.41 -19.67
C PHE A 1105 -9.98 -20.13 -19.12
N TYR A 1106 -10.98 -20.17 -20.00
CA TYR A 1106 -12.37 -20.01 -19.63
C TYR A 1106 -13.18 -21.16 -20.20
N ASP A 1107 -14.39 -21.32 -19.68
CA ASP A 1107 -15.31 -22.26 -20.30
C ASP A 1107 -16.40 -21.51 -21.06
N PRO A 1108 -16.85 -22.03 -22.19
CA PRO A 1108 -17.93 -21.37 -22.92
C PRO A 1108 -19.22 -21.35 -22.09
N GLU A 1109 -19.95 -20.24 -22.22
CA GLU A 1109 -21.22 -20.13 -21.49
C GLU A 1109 -22.21 -21.18 -21.96
N SER A 1110 -22.41 -21.28 -23.27
CA SER A 1110 -23.22 -22.34 -23.87
C SER A 1110 -22.53 -22.80 -25.14
N GLY A 1111 -22.34 -24.11 -25.26
CA GLY A 1111 -21.64 -24.71 -26.37
C GLY A 1111 -20.60 -25.70 -25.88
N GLN A 1112 -19.82 -26.22 -26.84
CA GLN A 1112 -18.82 -27.23 -26.51
C GLN A 1112 -17.52 -26.95 -27.26
N VAL A 1113 -16.42 -27.41 -26.68
CA VAL A 1113 -15.12 -27.41 -27.34
C VAL A 1113 -14.59 -28.84 -27.31
N LEU A 1114 -14.24 -29.36 -28.49
CA LEU A 1114 -13.87 -30.76 -28.64
C LEU A 1114 -12.49 -30.88 -29.24
N LEU A 1115 -11.65 -31.70 -28.62
CA LEU A 1115 -10.35 -32.08 -29.14
C LEU A 1115 -10.44 -33.54 -29.59
N ASP A 1116 -10.38 -33.76 -30.89
CA ASP A 1116 -10.47 -35.10 -31.49
C ASP A 1116 -11.76 -35.80 -31.11
N GLY A 1117 -12.87 -35.05 -31.13
CA GLY A 1117 -14.17 -35.62 -30.87
C GLY A 1117 -14.53 -35.81 -29.41
N VAL A 1118 -13.65 -35.45 -28.48
CA VAL A 1118 -13.88 -35.60 -27.05
C VAL A 1118 -13.93 -34.20 -26.44
N ASP A 1119 -14.96 -33.94 -25.63
CA ASP A 1119 -15.10 -32.65 -24.99
C ASP A 1119 -13.90 -32.39 -24.07
N ILE A 1120 -13.42 -31.15 -24.07
CA ILE A 1120 -12.28 -30.80 -23.24
C ILE A 1120 -12.67 -30.69 -21.77
N ARG A 1121 -13.97 -30.51 -21.47
CA ARG A 1121 -14.41 -30.47 -20.09
C ARG A 1121 -14.31 -31.84 -19.41
N ASP A 1122 -14.17 -32.92 -20.17
CA ASP A 1122 -14.06 -34.26 -19.61
C ASP A 1122 -12.62 -34.78 -19.63
N LEU A 1123 -11.67 -33.95 -20.02
CA LEU A 1123 -10.27 -34.35 -20.10
C LEU A 1123 -9.51 -33.84 -18.89
N HIS A 1124 -8.41 -34.52 -18.57
CA HIS A 1124 -7.53 -34.06 -17.51
C HIS A 1124 -6.80 -32.79 -17.97
N LEU A 1125 -6.93 -31.73 -17.18
CA LEU A 1125 -6.47 -30.41 -17.63
C LEU A 1125 -4.96 -30.39 -17.86
N ARG A 1126 -4.20 -31.02 -16.97
CA ARG A 1126 -2.75 -30.96 -17.08
C ARG A 1126 -2.27 -31.59 -18.39
N THR A 1127 -2.70 -32.82 -18.68
CA THR A 1127 -2.27 -33.49 -19.90
C THR A 1127 -2.79 -32.77 -21.14
N TYR A 1128 -4.04 -32.31 -21.09
CA TYR A 1128 -4.61 -31.55 -22.21
C TYR A 1128 -3.74 -30.34 -22.54
N ARG A 1129 -3.43 -29.52 -21.53
CA ARG A 1129 -2.59 -28.36 -21.76
C ARG A 1129 -1.17 -28.75 -22.17
N GLU A 1130 -0.69 -29.92 -21.75
CA GLU A 1130 0.59 -30.39 -22.24
C GLU A 1130 0.54 -30.75 -23.72
N VAL A 1131 -0.62 -31.17 -24.22
CA VAL A 1131 -0.75 -31.44 -25.66
C VAL A 1131 -0.64 -30.15 -26.46
N LEU A 1132 -1.18 -29.06 -25.94
CA LEU A 1132 -1.24 -27.79 -26.66
C LEU A 1132 0.10 -27.07 -26.59
N ALA A 1133 0.22 -25.95 -27.31
CA ALA A 1133 1.31 -25.01 -27.10
C ALA A 1133 0.83 -23.64 -27.53
N LEU A 1134 1.32 -22.59 -26.86
CA LEU A 1134 0.85 -21.24 -27.07
C LEU A 1134 2.02 -20.29 -27.29
N VAL A 1135 1.91 -19.43 -28.30
CA VAL A 1135 2.85 -18.35 -28.54
C VAL A 1135 2.07 -17.04 -28.52
N GLN A 1136 2.31 -16.22 -27.49
CA GLN A 1136 1.51 -15.05 -27.21
C GLN A 1136 1.94 -13.86 -28.07
N GLN A 1137 1.18 -12.77 -27.98
CA GLN A 1137 1.49 -11.55 -28.78
C GLN A 1137 2.79 -10.92 -28.27
N GLU A 1138 2.80 -10.52 -27.00
CA GLU A 1138 4.04 -9.95 -26.40
C GLU A 1138 4.81 -11.11 -25.76
N PRO A 1139 6.07 -11.43 -26.16
CA PRO A 1139 6.76 -12.60 -25.60
C PRO A 1139 7.01 -12.44 -24.10
N VAL A 1140 6.73 -13.48 -23.31
CA VAL A 1140 6.96 -13.44 -21.84
C VAL A 1140 8.13 -14.36 -21.49
N LEU A 1141 9.15 -13.82 -20.82
CA LEU A 1141 10.29 -14.66 -20.39
C LEU A 1141 10.50 -14.48 -18.89
N PHE A 1142 10.21 -15.53 -18.11
CA PHE A 1142 10.39 -15.46 -16.66
C PHE A 1142 11.85 -15.25 -16.33
N SER A 1143 12.11 -14.56 -15.23
CA SER A 1143 13.48 -14.29 -14.81
C SER A 1143 14.24 -15.60 -14.60
N GLY A 1144 15.43 -15.67 -15.15
CA GLY A 1144 16.24 -16.87 -15.10
C GLY A 1144 17.10 -16.97 -16.34
N SER A 1145 17.70 -18.15 -16.50
CA SER A 1145 18.56 -18.38 -17.65
C SER A 1145 17.73 -18.67 -18.90
N ILE A 1146 18.38 -18.53 -20.06
CA ILE A 1146 17.74 -18.89 -21.32
C ILE A 1146 17.34 -20.34 -21.35
N ARG A 1147 18.19 -21.23 -20.85
CA ARG A 1147 17.86 -22.65 -20.80
C ARG A 1147 16.64 -22.92 -19.93
N ASP A 1148 16.54 -22.25 -18.78
CA ASP A 1148 15.39 -22.45 -17.91
C ASP A 1148 14.09 -22.01 -18.57
N ASN A 1149 14.10 -20.82 -19.19
CA ASN A 1149 12.88 -20.29 -19.86
C ASN A 1149 12.51 -21.21 -21.03
N ILE A 1150 13.50 -21.63 -21.83
CA ILE A 1150 13.20 -22.49 -22.96
C ILE A 1150 12.67 -23.85 -22.50
N MET A 1151 13.18 -24.37 -21.39
CA MET A 1151 12.76 -25.65 -20.87
C MET A 1151 11.51 -25.58 -20.00
N VAL A 1152 10.92 -24.39 -19.84
CA VAL A 1152 9.64 -24.28 -19.16
C VAL A 1152 8.58 -25.09 -19.90
N GLY A 1153 8.61 -25.07 -21.22
CA GLY A 1153 7.69 -25.83 -22.03
C GLY A 1153 8.04 -27.29 -22.19
N SER A 1154 9.13 -27.75 -21.59
CA SER A 1154 9.51 -29.16 -21.69
C SER A 1154 8.46 -30.02 -20.99
N ILE A 1155 8.12 -31.14 -21.63
CA ILE A 1155 7.08 -32.02 -21.13
C ILE A 1155 7.69 -33.14 -20.28
N SER A 1163 16.33 -33.27 -22.14
CA SER A 1163 17.44 -34.16 -22.44
C SER A 1163 18.63 -33.39 -23.02
N GLU A 1164 18.47 -32.06 -23.09
CA GLU A 1164 19.50 -31.12 -23.50
C GLU A 1164 19.76 -31.22 -25.00
N GLU A 1165 19.15 -32.20 -25.66
CA GLU A 1165 19.22 -32.30 -27.12
C GLU A 1165 17.92 -31.97 -27.82
N ASP A 1166 16.78 -32.26 -27.20
CA ASP A 1166 15.52 -31.75 -27.71
C ASP A 1166 15.52 -30.23 -27.69
N MET A 1167 16.16 -29.64 -26.67
CA MET A 1167 16.19 -28.19 -26.52
C MET A 1167 17.06 -27.55 -27.59
N ILE A 1168 18.20 -28.17 -27.91
CA ILE A 1168 19.07 -27.66 -29.00
C ILE A 1168 18.26 -27.72 -30.30
N LYS A 1169 17.61 -28.86 -30.56
CA LYS A 1169 16.85 -29.03 -31.79
C LYS A 1169 15.76 -27.96 -31.90
N ALA A 1170 15.06 -27.69 -30.79
CA ALA A 1170 14.03 -26.66 -30.80
C ALA A 1170 14.63 -25.29 -31.07
N CYS A 1171 15.79 -24.99 -30.47
CA CYS A 1171 16.43 -23.71 -30.72
C CYS A 1171 16.86 -23.57 -32.17
N LYS A 1172 17.33 -24.65 -32.78
CA LYS A 1172 17.63 -24.62 -34.21
C LYS A 1172 16.37 -24.39 -35.04
N ASP A 1173 15.26 -25.04 -34.65
CA ASP A 1173 14.02 -24.86 -35.38
C ASP A 1173 13.45 -23.46 -35.18
N ALA A 1174 13.83 -22.77 -34.11
CA ALA A 1174 13.37 -21.43 -33.85
C ALA A 1174 14.30 -20.36 -34.40
N ASN A 1175 15.39 -20.74 -35.07
CA ASN A 1175 16.37 -19.81 -35.62
C ASN A 1175 16.94 -18.89 -34.54
N ILE A 1176 17.18 -19.45 -33.36
CA ILE A 1176 17.73 -18.70 -32.24
C ILE A 1176 19.06 -19.27 -31.76
N TYR A 1177 19.40 -20.51 -32.13
CA TYR A 1177 20.64 -21.13 -31.66
C TYR A 1177 21.85 -20.32 -32.08
N ASP A 1178 21.82 -19.72 -33.26
CA ASP A 1178 22.92 -18.88 -33.72
C ASP A 1178 23.16 -17.72 -32.76
N PHE A 1179 22.09 -17.03 -32.37
CA PHE A 1179 22.24 -15.92 -31.42
C PHE A 1179 22.68 -16.41 -30.05
N ILE A 1180 22.28 -17.62 -29.66
CA ILE A 1180 22.70 -18.14 -28.36
C ILE A 1180 24.20 -18.43 -28.36
N SER A 1181 24.69 -19.10 -29.40
CA SER A 1181 26.12 -19.39 -29.47
C SER A 1181 26.95 -18.12 -29.60
N SER A 1182 26.33 -17.02 -30.02
CA SER A 1182 27.02 -15.75 -30.13
C SER A 1182 27.05 -14.97 -28.82
N LEU A 1183 26.41 -15.48 -27.77
CA LEU A 1183 26.39 -14.81 -26.48
C LEU A 1183 27.71 -15.05 -25.74
N PRO A 1184 28.04 -14.19 -24.77
CA PRO A 1184 29.28 -14.42 -24.00
C PRO A 1184 29.33 -15.77 -23.32
N GLU A 1185 28.20 -16.25 -22.82
CA GLU A 1185 28.06 -17.61 -22.32
C GLU A 1185 27.09 -18.37 -23.23
N GLY A 1186 26.81 -19.61 -22.87
CA GLY A 1186 25.92 -20.42 -23.68
C GLY A 1186 24.47 -20.21 -23.34
N PHE A 1187 23.75 -21.29 -23.05
CA PHE A 1187 22.35 -21.22 -22.67
C PHE A 1187 22.15 -20.81 -21.22
N ASP A 1188 23.22 -20.47 -20.51
CA ASP A 1188 23.13 -20.03 -19.13
C ASP A 1188 22.95 -18.52 -19.01
N THR A 1189 22.86 -17.82 -20.13
CA THR A 1189 22.68 -16.37 -20.10
C THR A 1189 21.37 -16.01 -19.42
N LEU A 1190 21.40 -14.94 -18.63
CA LEU A 1190 20.23 -14.45 -17.93
C LEU A 1190 19.50 -13.47 -18.82
N CYS A 1191 18.18 -13.62 -18.94
CA CYS A 1191 17.39 -12.75 -19.78
C CYS A 1191 16.42 -11.91 -18.98
N GLY A 1192 15.67 -12.54 -18.07
CA GLY A 1192 14.65 -11.83 -17.33
C GLY A 1192 15.24 -10.78 -16.41
N ASN A 1193 14.89 -9.53 -16.68
CA ASN A 1193 15.13 -8.38 -15.81
C ASN A 1193 16.60 -7.97 -15.73
N LYS A 1194 17.49 -8.75 -16.35
CA LYS A 1194 18.91 -8.45 -16.34
C LYS A 1194 19.61 -9.34 -17.35
N GLY A 1195 20.93 -9.29 -17.35
CA GLY A 1195 21.72 -10.05 -18.29
C GLY A 1195 21.67 -9.44 -19.69
N THR A 1196 22.06 -10.24 -20.67
CA THR A 1196 22.02 -9.80 -22.05
C THR A 1196 20.58 -9.55 -22.48
N MET A 1197 20.25 -8.28 -22.68
CA MET A 1197 18.93 -7.90 -23.15
C MET A 1197 18.75 -8.37 -24.59
N LEU A 1198 17.53 -8.80 -24.91
CA LEU A 1198 17.21 -9.33 -26.22
C LEU A 1198 16.17 -8.45 -26.91
N SER A 1199 16.29 -8.37 -28.23
CA SER A 1199 15.29 -7.67 -29.02
C SER A 1199 13.97 -8.43 -28.99
N GLY A 1200 12.93 -7.81 -29.53
CA GLY A 1200 11.65 -8.48 -29.62
C GLY A 1200 11.71 -9.75 -30.44
N GLY A 1201 12.50 -9.74 -31.51
CA GLY A 1201 12.62 -10.92 -32.35
C GLY A 1201 13.24 -12.10 -31.62
N GLN A 1202 14.33 -11.85 -30.89
CA GLN A 1202 14.98 -12.94 -30.18
C GLN A 1202 14.12 -13.45 -29.02
N LYS A 1203 13.41 -12.54 -28.35
CA LYS A 1203 12.46 -12.97 -27.32
C LYS A 1203 11.38 -13.85 -27.90
N GLN A 1204 10.85 -13.45 -29.06
CA GLN A 1204 9.76 -14.23 -29.71
C GLN A 1204 10.32 -15.60 -30.13
N ARG A 1205 11.56 -15.63 -30.63
CA ARG A 1205 12.16 -16.92 -31.08
C ARG A 1205 12.40 -17.83 -29.87
N VAL A 1206 12.83 -17.26 -28.74
CA VAL A 1206 12.96 -18.07 -27.52
C VAL A 1206 11.61 -18.62 -27.10
N ALA A 1207 10.55 -17.81 -27.21
CA ALA A 1207 9.21 -18.29 -26.90
C ALA A 1207 8.79 -19.40 -27.86
N ILE A 1208 9.14 -19.27 -29.14
CA ILE A 1208 8.81 -20.29 -30.12
C ILE A 1208 9.52 -21.60 -29.80
N ALA A 1209 10.80 -21.52 -29.40
CA ALA A 1209 11.52 -22.74 -29.00
C ALA A 1209 10.90 -23.36 -27.75
N ARG A 1210 10.50 -22.52 -26.80
CA ARG A 1210 9.82 -23.00 -25.60
C ARG A 1210 8.55 -23.76 -25.96
N ALA A 1211 7.78 -23.23 -26.92
CA ALA A 1211 6.59 -23.95 -27.37
C ALA A 1211 6.96 -25.22 -28.13
N LEU A 1212 8.07 -25.19 -28.86
CA LEU A 1212 8.41 -26.29 -29.75
C LEU A 1212 8.93 -27.52 -29.02
N ILE A 1213 9.57 -27.33 -27.86
CA ILE A 1213 10.18 -28.48 -27.17
C ILE A 1213 9.15 -29.57 -26.90
N ARG A 1214 7.97 -29.19 -26.40
CA ARG A 1214 6.99 -30.21 -26.02
C ARG A 1214 6.39 -30.96 -27.20
N ASN A 1215 6.83 -30.68 -28.42
CA ASN A 1215 6.33 -31.34 -29.62
C ASN A 1215 4.80 -31.28 -29.67
N PRO A 1216 4.22 -30.08 -29.74
CA PRO A 1216 2.77 -29.96 -29.63
C PRO A 1216 2.05 -30.52 -30.84
N ARG A 1217 0.81 -30.95 -30.62
CA ARG A 1217 -0.09 -31.28 -31.71
C ARG A 1217 -0.96 -30.11 -32.14
N VAL A 1218 -1.12 -29.10 -31.28
CA VAL A 1218 -1.86 -27.90 -31.62
C VAL A 1218 -1.08 -26.68 -31.18
N LEU A 1219 -0.56 -25.93 -32.15
CA LEU A 1219 0.19 -24.70 -31.88
C LEU A 1219 -0.73 -23.49 -32.09
N LEU A 1220 -0.90 -22.70 -31.04
CA LEU A 1220 -1.78 -21.55 -31.04
C LEU A 1220 -0.94 -20.28 -31.09
N LEU A 1221 -0.88 -19.64 -32.26
CA LEU A 1221 -0.07 -18.45 -32.47
C LEU A 1221 -0.99 -17.23 -32.38
N ASP A 1222 -1.05 -16.61 -31.20
CA ASP A 1222 -1.92 -15.47 -30.99
C ASP A 1222 -1.14 -14.19 -31.29
N GLU A 1223 -1.05 -13.88 -32.58
CA GLU A 1223 -0.39 -12.67 -33.07
C GLU A 1223 1.09 -12.63 -32.63
N ALA A 1224 1.81 -13.68 -33.00
CA ALA A 1224 3.20 -13.81 -32.56
C ALA A 1224 4.09 -12.74 -33.19
N THR A 1225 3.65 -12.11 -34.27
CA THR A 1225 4.44 -11.11 -34.96
C THR A 1225 3.80 -9.73 -34.96
N SER A 1226 2.76 -9.52 -34.16
CA SER A 1226 2.04 -8.24 -34.16
C SER A 1226 2.64 -7.28 -33.12
N ALA A 1227 3.90 -7.53 -32.79
CA ALA A 1227 4.64 -6.68 -31.88
C ALA A 1227 6.03 -6.40 -32.43
N LEU A 1228 6.38 -7.09 -33.50
CA LEU A 1228 7.73 -7.01 -34.04
C LEU A 1228 7.81 -5.91 -35.10
N ASP A 1229 9.03 -5.36 -35.27
CA ASP A 1229 9.23 -4.38 -36.37
C ASP A 1229 9.30 -5.17 -37.69
N SER A 1230 9.28 -4.48 -38.83
CA SER A 1230 9.23 -5.20 -40.14
C SER A 1230 10.47 -6.07 -40.36
N GLU A 1231 11.66 -5.57 -40.04
CA GLU A 1231 12.90 -6.34 -40.33
C GLU A 1231 12.94 -7.62 -39.51
N SER A 1232 12.60 -7.55 -38.22
CA SER A 1232 12.59 -8.74 -37.33
C SER A 1232 11.51 -9.73 -37.77
N GLU A 1233 10.36 -9.23 -38.22
CA GLU A 1233 9.22 -10.12 -38.55
C GLU A 1233 9.60 -11.23 -39.54
N MET A 1234 10.56 -11.01 -40.45
CA MET A 1234 10.80 -12.02 -41.47
C MET A 1234 11.40 -13.28 -40.89
N VAL A 1235 12.40 -13.15 -40.00
CA VAL A 1235 13.00 -14.34 -39.41
C VAL A 1235 12.03 -15.02 -38.45
N VAL A 1236 11.23 -14.23 -37.72
CA VAL A 1236 10.24 -14.84 -36.84
C VAL A 1236 9.18 -15.58 -37.67
N GLN A 1237 8.80 -15.03 -38.81
CA GLN A 1237 7.87 -15.73 -39.70
C GLN A 1237 8.50 -16.99 -40.29
N ASP A 1238 9.80 -16.95 -40.56
CA ASP A 1238 10.49 -18.17 -40.99
C ASP A 1238 10.40 -19.25 -39.92
N ALA A 1239 10.65 -18.87 -38.67
CA ALA A 1239 10.51 -19.83 -37.57
C ALA A 1239 9.08 -20.35 -37.48
N ILE A 1240 8.10 -19.47 -37.64
CA ILE A 1240 6.70 -19.85 -37.48
C ILE A 1240 6.28 -20.83 -38.57
N ASP A 1241 6.65 -20.55 -39.82
CA ASP A 1241 6.21 -21.42 -40.94
C ASP A 1241 6.76 -22.84 -40.73
N LYS A 1242 8.01 -22.97 -40.28
CA LYS A 1242 8.63 -24.31 -40.07
C LYS A 1242 7.87 -25.05 -38.96
N ALA A 1243 7.46 -24.34 -37.91
CA ALA A 1243 6.72 -24.96 -36.79
C ALA A 1243 5.37 -25.49 -37.28
N SER A 1244 4.69 -24.76 -38.16
CA SER A 1244 3.33 -25.15 -38.60
C SER A 1244 3.36 -26.52 -39.29
N LYS A 1245 4.38 -26.78 -40.11
CA LYS A 1245 4.45 -28.05 -40.87
C LYS A 1245 4.45 -29.25 -39.90
N GLY A 1246 3.48 -30.14 -40.03
CA GLY A 1246 3.48 -31.37 -39.20
C GLY A 1246 2.51 -31.37 -38.03
N ARG A 1247 1.76 -30.27 -37.82
CA ARG A 1247 0.88 -30.20 -36.62
C ARG A 1247 -0.29 -29.24 -36.86
N THR A 1248 -1.37 -29.37 -36.09
CA THR A 1248 -2.49 -28.41 -36.20
C THR A 1248 -1.98 -27.04 -35.73
N THR A 1249 -2.22 -26.00 -36.52
CA THR A 1249 -1.74 -24.66 -36.19
C THR A 1249 -2.88 -23.67 -36.38
N ILE A 1250 -3.19 -22.93 -35.33
CA ILE A 1250 -4.24 -21.91 -35.35
C ILE A 1250 -3.58 -20.56 -35.16
N THR A 1251 -3.60 -19.73 -36.19
CA THR A 1251 -2.89 -18.46 -36.21
C THR A 1251 -3.90 -17.32 -36.22
N ILE A 1252 -3.93 -16.55 -35.13
CA ILE A 1252 -4.66 -15.28 -35.12
C ILE A 1252 -3.68 -14.18 -35.47
N ALA A 1253 -3.97 -13.43 -36.53
CA ALA A 1253 -3.05 -12.43 -37.02
C ALA A 1253 -3.78 -11.15 -37.39
N HIS A 1254 -3.21 -10.02 -36.98
CA HIS A 1254 -3.69 -8.72 -37.42
C HIS A 1254 -3.07 -8.30 -38.74
N ARG A 1255 -1.87 -8.77 -39.04
CA ARG A 1255 -1.21 -8.52 -40.32
C ARG A 1255 -1.53 -9.70 -41.24
N LEU A 1256 -2.47 -9.49 -42.16
CA LEU A 1256 -2.96 -10.57 -42.99
C LEU A 1256 -1.96 -11.07 -44.02
N SER A 1257 -0.74 -10.50 -44.05
CA SER A 1257 0.28 -11.02 -44.95
C SER A 1257 0.78 -12.38 -44.47
N THR A 1258 0.77 -12.62 -43.17
CA THR A 1258 1.25 -13.89 -42.63
C THR A 1258 0.33 -15.04 -43.03
N VAL A 1259 -0.98 -14.80 -43.03
CA VAL A 1259 -1.96 -15.87 -43.18
C VAL A 1259 -2.22 -16.18 -44.64
N GLN A 1260 -1.41 -15.62 -45.54
CA GLN A 1260 -1.64 -15.82 -46.97
C GLN A 1260 -1.45 -17.27 -47.37
N ASN A 1261 -0.68 -18.04 -46.61
CA ASN A 1261 -0.40 -19.43 -46.92
C ASN A 1261 -1.28 -20.41 -46.12
N CYS A 1262 -2.29 -19.91 -45.42
CA CYS A 1262 -3.14 -20.78 -44.63
C CYS A 1262 -3.97 -21.69 -45.53
N ASP A 1263 -4.19 -22.92 -45.05
CA ASP A 1263 -5.05 -23.85 -45.78
C ASP A 1263 -6.49 -23.34 -45.82
N VAL A 1264 -7.00 -22.83 -44.70
CA VAL A 1264 -8.34 -22.26 -44.64
C VAL A 1264 -8.26 -21.00 -43.80
N ILE A 1265 -8.92 -19.94 -44.28
CA ILE A 1265 -8.96 -18.65 -43.59
C ILE A 1265 -10.39 -18.39 -43.16
N TYR A 1266 -10.57 -18.06 -41.88
CA TYR A 1266 -11.87 -17.71 -41.34
C TYR A 1266 -11.88 -16.23 -41.02
N VAL A 1267 -12.96 -15.55 -41.38
CA VAL A 1267 -13.11 -14.12 -41.13
C VAL A 1267 -14.22 -13.93 -40.10
N PHE A 1268 -13.91 -13.18 -39.04
CA PHE A 1268 -14.84 -12.96 -37.94
C PHE A 1268 -15.52 -11.60 -38.11
N ASP A 1269 -16.73 -11.48 -37.55
CA ASP A 1269 -17.46 -10.22 -37.56
C ASP A 1269 -18.43 -10.25 -36.39
N ALA A 1270 -18.14 -9.44 -35.36
CA ALA A 1270 -18.96 -9.35 -34.16
C ALA A 1270 -19.10 -10.68 -33.44
N GLY A 1271 -18.09 -11.55 -33.57
CA GLY A 1271 -18.08 -12.81 -32.86
C GLY A 1271 -18.63 -13.99 -33.62
N ARG A 1272 -18.91 -13.84 -34.90
CA ARG A 1272 -19.45 -14.95 -35.70
C ARG A 1272 -18.63 -15.11 -36.95
N ILE A 1273 -18.54 -16.32 -37.51
CA ILE A 1273 -17.74 -16.58 -38.75
C ILE A 1273 -18.51 -16.08 -39.97
N VAL A 1274 -18.18 -14.88 -40.46
CA VAL A 1274 -18.82 -14.32 -41.67
C VAL A 1274 -18.38 -15.00 -42.97
N GLU A 1275 -17.10 -15.32 -43.17
CA GLU A 1275 -16.62 -15.87 -44.45
C GLU A 1275 -15.51 -16.89 -44.24
N SER A 1276 -15.52 -18.01 -44.95
CA SER A 1276 -14.52 -19.04 -44.75
C SER A 1276 -14.03 -19.54 -46.10
N GLY A 1277 -12.73 -19.75 -46.19
CA GLY A 1277 -12.13 -20.24 -47.41
C GLY A 1277 -10.70 -19.76 -47.55
N LYS A 1278 -10.07 -20.18 -48.64
CA LYS A 1278 -8.68 -19.83 -48.89
C LYS A 1278 -8.54 -18.35 -49.23
N HIS A 1279 -7.30 -17.92 -49.42
CA HIS A 1279 -7.02 -16.50 -49.66
C HIS A 1279 -7.60 -16.03 -50.99
N ASP A 1280 -7.33 -16.78 -52.07
CA ASP A 1280 -7.76 -16.35 -53.39
C ASP A 1280 -9.28 -16.35 -53.51
N GLU A 1281 -9.94 -17.38 -52.96
CA GLU A 1281 -11.40 -17.42 -53.00
C GLU A 1281 -12.01 -16.26 -52.22
N LEU A 1282 -11.43 -15.96 -51.06
CA LEU A 1282 -11.93 -14.82 -50.27
C LEU A 1282 -11.72 -13.51 -51.03
N LEU A 1283 -10.59 -13.36 -51.71
CA LEU A 1283 -10.35 -12.17 -52.50
C LEU A 1283 -11.38 -12.05 -53.63
N GLN A 1284 -11.66 -13.17 -54.31
CA GLN A 1284 -12.63 -13.14 -55.40
C GLN A 1284 -14.04 -12.88 -54.89
N LEU A 1285 -14.31 -13.25 -53.63
CA LEU A 1285 -15.63 -13.02 -53.06
C LEU A 1285 -15.94 -11.53 -52.93
N ARG A 1286 -14.90 -10.69 -52.84
CA ARG A 1286 -15.06 -9.24 -52.70
C ARG A 1286 -15.91 -8.90 -51.48
N GLY A 1287 -15.68 -9.59 -50.38
CA GLY A 1287 -16.43 -9.40 -49.16
C GLY A 1287 -15.65 -8.68 -48.08
N LYS A 1288 -15.79 -9.15 -46.85
CA LYS A 1288 -15.14 -8.48 -45.72
C LYS A 1288 -13.63 -8.68 -45.74
N TYR A 1289 -13.17 -9.85 -46.20
CA TYR A 1289 -11.74 -10.09 -46.30
C TYR A 1289 -11.10 -9.16 -47.32
N TYR A 1290 -11.80 -8.91 -48.43
CA TYR A 1290 -11.33 -7.97 -49.43
C TYR A 1290 -11.18 -6.56 -48.85
N ASP A 1291 -12.19 -6.14 -48.07
CA ASP A 1291 -12.11 -4.82 -47.43
C ASP A 1291 -10.96 -4.78 -46.44
N LEU A 1292 -10.74 -5.87 -45.69
CA LEU A 1292 -9.64 -5.92 -44.73
C LEU A 1292 -8.29 -5.81 -45.43
N VAL A 1293 -8.11 -6.52 -46.54
CA VAL A 1293 -6.81 -6.48 -47.22
C VAL A 1293 -6.58 -5.10 -47.84
N GLN A 1294 -7.66 -4.48 -48.35
CA GLN A 1294 -7.52 -3.11 -48.90
C GLN A 1294 -7.13 -2.17 -47.75
N LEU A 1295 -7.79 -2.30 -46.60
CA LEU A 1295 -7.51 -1.45 -45.46
C LEU A 1295 -6.06 -1.62 -45.00
N GLN A 1296 -5.57 -2.85 -44.97
CA GLN A 1296 -4.18 -3.08 -44.60
C GLN A 1296 -3.22 -2.50 -45.63
N GLY A 1297 -3.60 -2.56 -46.91
CA GLY A 1297 -2.76 -1.97 -47.93
C GLY A 1297 -2.65 -0.46 -47.80
N LEU A 1298 -3.77 0.19 -47.50
CA LEU A 1298 -3.75 1.65 -47.34
C LEU A 1298 -3.06 2.05 -46.04
N ASN A 1299 -3.30 1.30 -44.97
CA ASN A 1299 -2.89 1.73 -43.64
C ASN A 1299 -1.37 1.84 -43.52
N ALA A 1300 -0.64 0.87 -44.07
CA ALA A 1300 0.81 0.82 -44.00
C ALA A 1300 1.31 0.91 -42.56
#